data_3LMV
#
_entry.id   3LMV
#
_cell.length_a   51.65
_cell.length_b   52.95
_cell.length_c   89.68
_cell.angle_alpha   75.4
_cell.angle_beta   74.2
_cell.angle_gamma   86.1
#
_symmetry.space_group_name_H-M   'P 1'
#
loop_
_entity.id
_entity.type
_entity.pdbx_description
1 polymer 'D-tyrosyl-tRNA(Tyr) deacylase'
2 non-polymer '4-(2-HYDROXYETHYL)-1-PIPERAZINE ETHANESULFONIC ACID'
3 non-polymer 'SULFITE ION'
#
_entity_poly.entity_id   1
_entity_poly.type   'polypeptide(L)'
_entity_poly.pdbx_seq_one_letter_code
;MRVVIQRVKGAILSVRKENIGENEKELEIISEIKNGLICFLGIHKNDTWEDALYIIRKCLNLRLWNNDNKTWDKNVKDLN
YELLIVSQFTLFGNTKKGNKPDFHLAKEPNEALIFYNKIIDEFKKQYNDDKIKIGKFGNYMNIDVTNDGPVTIYIDTHDI
NLNK
;
_entity_poly.pdbx_strand_id   A,B,C,D,E,F
#
loop_
_chem_comp.id
_chem_comp.type
_chem_comp.name
_chem_comp.formula
EPE non-polymer '4-(2-HYDROXYETHYL)-1-PIPERAZINE ETHANESULFONIC ACID' 'C8 H18 N2 O4 S'
SO3 non-polymer 'SULFITE ION' 'O3 S -2'
#
# COMPACT_ATOMS: atom_id res chain seq x y z
N MET A 1 6.79 -8.05 -3.22
CA MET A 1 6.76 -6.62 -3.55
C MET A 1 5.34 -6.09 -3.49
N ARG A 2 5.18 -4.91 -2.89
CA ARG A 2 3.87 -4.30 -2.86
C ARG A 2 3.87 -2.95 -3.52
N VAL A 3 2.80 -2.63 -4.23
CA VAL A 3 2.66 -1.31 -4.80
C VAL A 3 1.25 -0.75 -4.64
N VAL A 4 1.18 0.51 -4.27
CA VAL A 4 -0.08 1.23 -4.28
C VAL A 4 0.02 2.18 -5.44
N ILE A 5 -0.89 2.04 -6.40
CA ILE A 5 -0.86 2.83 -7.63
C ILE A 5 -2.02 3.77 -7.57
N GLN A 6 -1.78 5.07 -7.73
CA GLN A 6 -2.90 6.00 -7.74
C GLN A 6 -2.93 6.84 -8.99
N ARG A 7 -4.11 6.93 -9.62
CA ARG A 7 -4.28 7.77 -10.80
C ARG A 7 -4.29 9.26 -10.42
N VAL A 8 -3.49 10.06 -11.13
CA VAL A 8 -3.32 11.46 -10.76
C VAL A 8 -3.39 12.40 -11.97
N LYS A 9 -3.78 13.64 -11.71
CA LYS A 9 -3.76 14.67 -12.75
C LYS A 9 -2.41 15.35 -12.72
N GLY A 10 -1.72 15.21 -11.59
CA GLY A 10 -0.35 15.65 -11.45
C GLY A 10 0.18 15.34 -10.07
N ALA A 11 1.50 15.42 -9.92
CA ALA A 11 2.14 15.27 -8.63
C ALA A 11 3.42 16.11 -8.56
N ILE A 12 3.69 16.68 -7.39
CA ILE A 12 4.90 17.47 -7.23
C ILE A 12 5.68 17.05 -6.01
N LEU A 13 6.85 16.46 -6.24
CA LEU A 13 7.66 15.91 -5.17
C LEU A 13 8.70 16.91 -4.66
N SER A 14 8.77 17.08 -3.33
CA SER A 14 9.71 17.99 -2.69
C SER A 14 10.49 17.32 -1.56
N VAL A 15 11.70 17.81 -1.31
CA VAL A 15 12.47 17.34 -0.19
C VAL A 15 12.89 18.54 0.63
N ARG A 16 13.32 18.32 1.88
CA ARG A 16 13.76 19.41 2.77
C ARG A 16 15.12 19.97 2.35
N LYS A 17 15.32 21.27 2.58
CA LYS A 17 16.62 21.90 2.31
C LYS A 17 17.50 21.87 3.56
N LEU A 27 11.51 23.53 2.02
CA LEU A 27 11.20 22.52 1.00
C LEU A 27 11.56 22.92 -0.44
N GLU A 28 12.00 21.94 -1.22
CA GLU A 28 12.42 22.20 -2.59
C GLU A 28 11.97 21.11 -3.57
N ILE A 29 11.47 21.51 -4.74
CA ILE A 29 10.95 20.58 -5.75
C ILE A 29 12.09 19.87 -6.48
N ILE A 30 11.95 18.57 -6.70
CA ILE A 30 12.98 17.81 -7.40
C ILE A 30 12.35 16.88 -8.43
N SER A 31 11.03 16.78 -8.41
CA SER A 31 10.35 15.91 -9.35
C SER A 31 8.91 16.36 -9.57
N GLU A 32 8.40 16.12 -10.78
CA GLU A 32 7.05 16.53 -11.08
C GLU A 32 6.47 15.76 -12.26
N ILE A 33 5.21 15.36 -12.14
CA ILE A 33 4.49 14.82 -13.28
C ILE A 33 3.15 15.51 -13.44
N LYS A 34 2.63 15.46 -14.67
CA LYS A 34 1.22 15.82 -14.93
C LYS A 34 0.40 14.52 -14.87
N ASN A 35 -0.52 14.34 -15.81
CA ASN A 35 -1.32 13.13 -15.80
C ASN A 35 -0.47 11.87 -15.82
N GLY A 36 -0.87 10.89 -15.02
CA GLY A 36 -0.15 9.64 -14.93
C GLY A 36 -0.37 8.95 -13.61
N LEU A 37 0.54 8.06 -13.25
CA LEU A 37 0.41 7.26 -12.03
C LEU A 37 1.47 7.66 -10.99
N ILE A 38 1.06 7.70 -9.73
CA ILE A 38 2.05 7.71 -8.68
C ILE A 38 2.05 6.30 -8.12
N CYS A 39 3.24 5.74 -8.01
CA CYS A 39 3.38 4.37 -7.53
C CYS A 39 4.23 4.30 -6.29
N PHE A 40 3.57 3.97 -5.18
CA PHE A 40 4.28 3.76 -3.93
C PHE A 40 4.72 2.31 -3.96
N LEU A 41 6.03 2.13 -3.92
CA LEU A 41 6.61 0.83 -4.14
C LEU A 41 7.33 0.34 -2.90
N GLY A 42 6.86 -0.79 -2.36
CA GLY A 42 7.51 -1.42 -1.22
C GLY A 42 8.23 -2.68 -1.66
N ILE A 43 9.52 -2.74 -1.37
CA ILE A 43 10.38 -3.89 -1.71
C ILE A 43 10.55 -4.85 -0.55
N HIS A 44 10.28 -6.13 -0.79
CA HIS A 44 10.27 -7.13 0.26
C HIS A 44 11.65 -7.76 0.45
N LYS A 45 11.89 -8.31 1.65
CA LYS A 45 13.13 -8.99 2.01
C LYS A 45 13.51 -10.06 0.98
N ASN A 46 12.51 -10.80 0.51
CA ASN A 46 12.74 -11.94 -0.37
C ASN A 46 12.31 -11.71 -1.82
N ASP A 47 12.36 -10.46 -2.28
CA ASP A 47 11.91 -10.16 -3.65
C ASP A 47 12.96 -10.55 -4.67
N THR A 48 12.52 -11.22 -5.72
CA THR A 48 13.37 -11.54 -6.87
C THR A 48 13.10 -10.53 -7.99
N TRP A 49 13.94 -10.52 -9.00
CA TRP A 49 13.73 -9.66 -10.16
C TRP A 49 12.39 -9.98 -10.85
N GLU A 50 11.94 -11.23 -10.79
CA GLU A 50 10.63 -11.56 -11.33
C GLU A 50 9.54 -10.80 -10.60
N ASP A 51 9.72 -10.58 -9.31
CA ASP A 51 8.80 -9.76 -8.52
C ASP A 51 8.79 -8.32 -9.06
N ALA A 52 9.97 -7.74 -9.27
CA ALA A 52 10.03 -6.39 -9.82
C ALA A 52 9.45 -6.30 -11.27
N LEU A 53 9.74 -7.27 -12.13
CA LEU A 53 9.21 -7.28 -13.48
C LEU A 53 7.70 -7.20 -13.42
N TYR A 54 7.10 -7.98 -12.55
CA TYR A 54 5.65 -8.04 -12.46
C TYR A 54 5.05 -6.67 -12.15
N ILE A 55 5.59 -6.00 -11.13
CA ILE A 55 5.18 -4.65 -10.76
C ILE A 55 5.32 -3.72 -11.94
N ILE A 56 6.51 -3.66 -12.53
CA ILE A 56 6.72 -2.80 -13.67
C ILE A 56 5.69 -3.06 -14.79
N ARG A 57 5.43 -4.35 -15.04
CA ARG A 57 4.51 -4.72 -16.12
C ARG A 57 3.14 -4.14 -15.82
N LYS A 58 2.68 -4.33 -14.59
CA LYS A 58 1.33 -3.90 -14.23
C LYS A 58 1.18 -2.39 -14.15
N CYS A 59 2.22 -1.70 -13.71
CA CYS A 59 2.17 -0.24 -13.70
C CYS A 59 2.03 0.31 -15.12
N LEU A 60 2.80 -0.27 -16.05
CA LEU A 60 2.81 0.23 -17.42
C LEU A 60 1.57 -0.19 -18.22
N ASN A 61 0.87 -1.23 -17.80
CA ASN A 61 -0.14 -1.82 -18.68
C ASN A 61 -1.56 -1.86 -18.15
N LEU A 62 -1.74 -1.62 -16.86
CA LEU A 62 -3.07 -1.51 -16.31
C LEU A 62 -3.88 -0.40 -16.99
N ARG A 63 -5.07 -0.75 -17.46
CA ARG A 63 -5.90 0.18 -18.18
C ARG A 63 -6.81 0.91 -17.23
N LEU A 64 -6.36 2.09 -16.78
CA LEU A 64 -7.00 2.80 -15.69
C LEU A 64 -7.66 4.09 -16.12
N TRP A 65 -7.63 4.37 -17.42
CA TRP A 65 -8.29 5.55 -17.95
C TRP A 65 -9.44 5.14 -18.85
N ASN A 66 -10.51 5.93 -18.89
CA ASN A 66 -11.60 5.62 -19.80
C ASN A 66 -11.23 6.22 -21.14
N ASN A 67 -11.76 5.68 -22.22
CA ASN A 67 -11.61 6.36 -23.50
C ASN A 67 -12.80 6.26 -24.44
N ASP A 68 -13.34 7.43 -24.79
CA ASP A 68 -14.54 7.53 -25.63
C ASP A 68 -15.72 6.86 -24.94
N ASN A 69 -16.27 5.85 -25.60
CA ASN A 69 -17.39 5.10 -25.04
C ASN A 69 -16.91 4.12 -23.97
N LYS A 70 -15.60 3.87 -23.92
CA LYS A 70 -15.06 2.75 -23.12
C LYS A 70 -14.42 3.14 -21.77
N THR A 71 -14.49 2.24 -20.79
CA THR A 71 -13.86 2.46 -19.49
C THR A 71 -12.74 1.45 -19.19
N TRP A 72 -11.91 1.74 -18.19
CA TRP A 72 -10.77 0.87 -17.91
C TRP A 72 -10.25 0.37 -19.25
N ASP A 73 -9.88 1.31 -20.09
CA ASP A 73 -9.60 0.99 -21.48
C ASP A 73 -8.15 1.31 -21.85
N LYS A 74 -7.66 2.46 -21.39
CA LYS A 74 -6.33 2.93 -21.76
C LYS A 74 -5.33 2.84 -20.61
N ASN A 75 -4.10 2.45 -20.92
CA ASN A 75 -3.05 2.43 -19.91
C ASN A 75 -2.14 3.66 -19.99
N VAL A 76 -1.23 3.81 -19.04
CA VAL A 76 -0.41 5.01 -18.96
C VAL A 76 0.44 5.28 -20.21
N LYS A 77 0.87 4.22 -20.89
CA LYS A 77 1.63 4.36 -22.12
C LYS A 77 0.74 4.83 -23.28
N ASP A 78 -0.40 4.16 -23.48
CA ASP A 78 -1.37 4.54 -24.51
C ASP A 78 -1.59 6.05 -24.53
N LEU A 79 -1.66 6.66 -23.36
CA LEU A 79 -1.98 8.08 -23.31
C LEU A 79 -0.73 8.94 -23.26
N ASN A 80 0.42 8.28 -23.39
CA ASN A 80 1.69 8.98 -23.25
C ASN A 80 1.83 9.74 -21.92
N TYR A 81 1.27 9.17 -20.85
CA TYR A 81 1.31 9.76 -19.52
C TYR A 81 2.56 9.34 -18.76
N GLU A 82 2.78 9.94 -17.59
CA GLU A 82 4.00 9.72 -16.83
C GLU A 82 3.82 8.83 -15.57
N LEU A 83 4.94 8.41 -15.00
CA LEU A 83 4.94 7.69 -13.73
C LEU A 83 5.90 8.32 -12.72
N LEU A 84 5.39 8.61 -11.52
CA LEU A 84 6.24 9.03 -10.42
C LEU A 84 6.42 7.83 -9.50
N ILE A 85 7.63 7.28 -9.48
CA ILE A 85 7.89 6.06 -8.72
C ILE A 85 8.52 6.35 -7.36
N VAL A 86 7.82 6.00 -6.29
CA VAL A 86 8.27 6.35 -4.96
C VAL A 86 8.44 5.14 -4.05
N SER A 87 9.63 5.04 -3.46
CA SER A 87 9.97 3.96 -2.52
C SER A 87 9.21 4.12 -1.21
N GLN A 88 8.60 3.04 -0.72
CA GLN A 88 7.66 3.13 0.38
C GLN A 88 7.71 1.87 1.25
N PHE A 89 8.72 1.77 2.11
CA PHE A 89 8.87 0.58 2.95
C PHE A 89 7.72 0.42 3.96
N THR A 90 7.10 1.53 4.31
CA THR A 90 5.98 1.50 5.24
C THR A 90 4.85 0.55 4.78
N LEU A 91 4.88 0.16 3.52
CA LEU A 91 3.88 -0.77 3.01
C LEU A 91 4.07 -2.16 3.60
N PHE A 92 5.24 -2.39 4.18
CA PHE A 92 5.46 -3.64 4.90
C PHE A 92 5.29 -3.45 6.40
N GLY A 93 4.87 -2.25 6.79
CA GLY A 93 4.51 -1.98 8.15
C GLY A 93 3.48 -2.99 8.56
N ASN A 94 3.83 -3.80 9.56
CA ASN A 94 2.93 -4.79 10.13
C ASN A 94 2.19 -4.21 11.34
N THR A 95 0.86 -4.29 11.29
CA THR A 95 0.01 -3.65 12.27
C THR A 95 -0.88 -4.70 12.90
N LYS A 96 -0.62 -5.96 12.57
CA LYS A 96 -1.45 -7.06 13.07
C LYS A 96 -1.41 -7.17 14.58
N LYS A 97 -0.21 -6.97 15.16
CA LYS A 97 -0.02 -7.18 16.58
C LYS A 97 0.34 -5.90 17.33
N GLY A 98 -0.54 -4.90 17.31
CA GLY A 98 -0.29 -3.65 17.99
C GLY A 98 -0.33 -2.42 17.10
N ASN A 99 -0.40 -1.26 17.75
CA ASN A 99 -0.58 -0.01 17.07
C ASN A 99 0.71 0.68 16.66
N LYS A 100 1.83 0.02 16.87
CA LYS A 100 3.09 0.56 16.39
C LYS A 100 3.55 -0.28 15.20
N PRO A 101 3.47 0.27 13.98
CA PRO A 101 3.81 -0.54 12.81
C PRO A 101 5.26 -1.01 12.89
N ASP A 102 5.52 -2.24 12.51
CA ASP A 102 6.90 -2.71 12.43
C ASP A 102 7.21 -3.21 11.02
N PHE A 103 8.45 -3.00 10.57
CA PHE A 103 8.78 -3.23 9.18
C PHE A 103 9.86 -4.29 8.99
N HIS A 104 9.72 -5.42 9.67
CA HIS A 104 10.76 -6.46 9.57
C HIS A 104 10.82 -7.11 8.18
N LEU A 105 9.71 -7.06 7.45
CA LEU A 105 9.67 -7.69 6.13
C LEU A 105 10.32 -6.83 5.05
N ALA A 106 10.51 -5.54 5.33
CA ALA A 106 11.06 -4.62 4.35
C ALA A 106 12.53 -4.94 4.08
N LYS A 107 12.88 -5.18 2.81
CA LYS A 107 14.26 -5.43 2.41
C LYS A 107 15.16 -4.34 2.95
N GLU A 108 16.30 -4.73 3.51
CA GLU A 108 17.22 -3.79 4.13
C GLU A 108 17.58 -2.64 3.16
N PRO A 109 17.72 -1.43 3.69
CA PRO A 109 17.90 -0.17 2.95
C PRO A 109 18.99 -0.17 1.88
N ASN A 110 20.09 -0.88 2.08
CA ASN A 110 21.15 -0.83 1.08
C ASN A 110 20.88 -1.68 -0.14
N GLU A 111 20.46 -2.93 0.05
CA GLU A 111 20.07 -3.79 -1.07
C GLU A 111 18.83 -3.21 -1.74
N ALA A 112 17.89 -2.73 -0.93
CA ALA A 112 16.65 -2.13 -1.44
C ALA A 112 16.90 -0.99 -2.42
N LEU A 113 17.84 -0.09 -2.08
CA LEU A 113 18.19 1.01 -2.95
C LEU A 113 18.71 0.55 -4.33
N ILE A 114 19.61 -0.44 -4.33
CA ILE A 114 20.08 -1.01 -5.58
C ILE A 114 18.91 -1.59 -6.40
N PHE A 115 18.09 -2.41 -5.74
CA PHE A 115 16.92 -3.02 -6.36
C PHE A 115 16.03 -1.94 -6.97
N TYR A 116 15.73 -0.91 -6.18
CA TYR A 116 14.90 0.20 -6.63
C TYR A 116 15.47 0.87 -7.88
N ASN A 117 16.75 1.23 -7.82
CA ASN A 117 17.43 1.79 -8.97
C ASN A 117 17.37 0.88 -10.19
N LYS A 118 17.56 -0.42 -9.99
CA LYS A 118 17.48 -1.36 -11.10
C LYS A 118 16.06 -1.33 -11.69
N ILE A 119 15.07 -1.21 -10.81
CA ILE A 119 13.67 -1.14 -11.18
C ILE A 119 13.36 0.13 -11.98
N ILE A 120 13.94 1.26 -11.56
CA ILE A 120 13.75 2.49 -12.29
C ILE A 120 14.36 2.41 -13.68
N ASP A 121 15.51 1.75 -13.80
CA ASP A 121 16.14 1.55 -15.11
C ASP A 121 15.22 0.74 -16.01
N GLU A 122 14.65 -0.33 -15.45
CA GLU A 122 13.74 -1.18 -16.21
C GLU A 122 12.49 -0.42 -16.69
N PHE A 123 11.94 0.43 -15.82
CA PHE A 123 10.81 1.26 -16.20
C PHE A 123 11.15 2.10 -17.43
N LYS A 124 12.31 2.75 -17.39
CA LYS A 124 12.73 3.60 -18.48
C LYS A 124 12.98 2.79 -19.74
N LYS A 125 13.50 1.58 -19.57
CA LYS A 125 13.77 0.69 -20.70
C LYS A 125 12.48 0.18 -21.36
N GLN A 126 11.46 -0.12 -20.56
CA GLN A 126 10.18 -0.63 -21.09
C GLN A 126 9.22 0.47 -21.59
N TYR A 127 9.55 1.71 -21.32
CA TYR A 127 8.69 2.80 -21.69
C TYR A 127 9.54 3.88 -22.35
N ASN A 128 9.94 4.88 -21.58
CA ASN A 128 10.56 6.07 -22.12
C ASN A 128 11.33 6.75 -21.00
N ASP A 129 12.57 7.13 -21.28
CA ASP A 129 13.43 7.74 -20.29
C ASP A 129 12.80 9.00 -19.67
N ASP A 130 12.16 9.81 -20.51
CA ASP A 130 11.57 11.09 -20.08
C ASP A 130 10.23 10.92 -19.33
N LYS A 131 9.67 9.72 -19.34
CA LYS A 131 8.37 9.51 -18.73
C LYS A 131 8.42 8.95 -17.32
N ILE A 132 9.61 8.66 -16.80
CA ILE A 132 9.77 8.07 -15.46
C ILE A 132 10.42 9.01 -14.42
N LYS A 133 9.63 9.55 -13.52
CA LYS A 133 10.13 10.38 -12.42
C LYS A 133 10.30 9.56 -11.15
N ILE A 134 11.16 10.02 -10.26
CA ILE A 134 11.37 9.30 -9.00
C ILE A 134 11.45 10.23 -7.82
N GLY A 135 11.50 9.67 -6.61
CA GLY A 135 11.67 10.47 -5.41
C GLY A 135 13.09 10.31 -4.90
N LYS A 136 13.39 10.99 -3.79
CA LYS A 136 14.67 10.82 -3.10
C LYS A 136 14.61 9.61 -2.15
N PHE A 137 15.17 8.48 -2.58
CA PHE A 137 15.11 7.25 -1.79
C PHE A 137 15.59 7.49 -0.36
N GLY A 138 14.80 7.04 0.60
CA GLY A 138 15.21 7.07 2.00
C GLY A 138 15.05 8.42 2.68
N ASN A 139 14.73 9.44 1.90
CA ASN A 139 14.62 10.78 2.45
C ASN A 139 13.17 11.19 2.71
N TYR A 140 12.99 12.10 3.67
CA TYR A 140 11.66 12.68 3.87
C TYR A 140 11.25 13.48 2.64
N MET A 141 10.03 13.26 2.16
CA MET A 141 9.53 13.92 0.97
C MET A 141 8.14 14.52 1.19
N ASN A 142 7.88 15.64 0.54
CA ASN A 142 6.55 16.23 0.52
C ASN A 142 5.99 16.06 -0.88
N ILE A 143 4.88 15.34 -1.03
CA ILE A 143 4.32 15.13 -2.36
C ILE A 143 2.89 15.61 -2.49
N ASP A 144 2.69 16.72 -3.21
CA ASP A 144 1.35 17.21 -3.50
C ASP A 144 0.79 16.43 -4.64
N VAL A 145 -0.30 15.72 -4.39
CA VAL A 145 -0.88 14.83 -5.40
C VAL A 145 -2.30 15.25 -5.73
N THR A 146 -2.58 15.46 -7.01
CA THR A 146 -3.95 15.64 -7.44
C THR A 146 -4.53 14.29 -7.85
N ASN A 147 -5.23 13.65 -6.92
CA ASN A 147 -5.85 12.36 -7.20
C ASN A 147 -7.00 12.52 -8.14
N ASP A 148 -6.96 11.73 -9.20
CA ASP A 148 -7.91 11.82 -10.30
C ASP A 148 -8.89 10.68 -10.20
N GLY A 149 -10.04 10.91 -9.56
CA GLY A 149 -11.04 9.87 -9.39
C GLY A 149 -11.62 9.74 -7.99
N PRO A 150 -10.81 9.26 -7.03
CA PRO A 150 -9.44 8.82 -7.25
C PRO A 150 -9.50 7.42 -7.77
N VAL A 151 -8.35 6.88 -8.14
CA VAL A 151 -8.26 5.48 -8.52
C VAL A 151 -7.07 4.87 -7.82
N THR A 152 -7.34 4.01 -6.85
CA THR A 152 -6.27 3.40 -6.06
C THR A 152 -6.26 1.91 -6.30
N ILE A 153 -5.12 1.40 -6.75
CA ILE A 153 -4.97 -0.01 -7.02
C ILE A 153 -3.89 -0.57 -6.11
N TYR A 154 -4.09 -1.78 -5.63
CA TYR A 154 -3.10 -2.43 -4.80
C TYR A 154 -2.70 -3.80 -5.32
N ILE A 155 -1.40 -4.07 -5.27
CA ILE A 155 -0.85 -5.32 -5.78
C ILE A 155 0.21 -5.83 -4.83
N ASP A 156 0.11 -7.11 -4.46
CA ASP A 156 1.15 -7.78 -3.69
C ASP A 156 1.60 -8.98 -4.52
N THR A 157 2.83 -8.94 -5.03
CA THR A 157 3.36 -10.03 -5.87
C THR A 157 3.45 -11.36 -5.17
N HIS A 158 3.47 -11.36 -3.84
CA HIS A 158 3.49 -12.62 -3.10
C HIS A 158 2.08 -13.20 -3.03
N ASP A 159 1.19 -12.72 -3.88
CA ASP A 159 -0.15 -13.30 -4.00
C ASP A 159 -0.26 -14.13 -5.28
N ILE A 160 0.71 -13.95 -6.17
CA ILE A 160 0.80 -14.78 -7.36
C ILE A 160 2.14 -15.51 -7.21
N ASN A 161 2.45 -16.46 -8.07
CA ASN A 161 3.77 -17.10 -8.00
C ASN A 161 4.41 -17.35 -9.37
N MET B 1 -12.23 -6.46 4.10
CA MET B 1 -12.12 -5.01 3.97
C MET B 1 -10.68 -4.57 3.75
N ARG B 2 -10.46 -3.63 2.85
CA ARG B 2 -9.11 -3.16 2.60
C ARG B 2 -9.05 -1.67 2.80
N VAL B 3 -7.95 -1.19 3.33
CA VAL B 3 -7.75 0.24 3.46
C VAL B 3 -6.31 0.63 3.13
N VAL B 4 -6.19 1.69 2.38
CA VAL B 4 -4.89 2.31 2.18
C VAL B 4 -4.94 3.60 2.97
N ILE B 5 -4.03 3.71 3.92
CA ILE B 5 -3.99 4.87 4.81
C ILE B 5 -2.79 5.69 4.45
N GLN B 6 -2.98 6.97 4.19
CA GLN B 6 -1.82 7.81 3.94
C GLN B 6 -1.78 9.02 4.85
N ARG B 7 -0.59 9.25 5.41
CA ARG B 7 -0.35 10.40 6.30
C ARG B 7 -0.27 11.68 5.48
N VAL B 8 -0.97 12.72 5.93
CA VAL B 8 -1.09 13.93 5.12
C VAL B 8 -0.94 15.19 5.96
N LYS B 9 -0.50 16.27 5.33
CA LYS B 9 -0.49 17.59 5.98
C LYS B 9 -1.82 18.30 5.71
N GLY B 10 -2.49 17.90 4.63
CA GLY B 10 -3.86 18.30 4.36
C GLY B 10 -4.43 17.57 3.15
N ALA B 11 -5.75 17.63 3.01
CA ALA B 11 -6.42 17.10 1.82
C ALA B 11 -7.68 17.92 1.48
N ILE B 12 -7.92 18.17 0.20
CA ILE B 12 -9.09 18.92 -0.21
C ILE B 12 -9.88 18.13 -1.25
N LEU B 13 -11.08 17.72 -0.86
CA LEU B 13 -11.90 16.88 -1.72
C LEU B 13 -12.92 17.70 -2.51
N SER B 14 -12.96 17.49 -3.83
CA SER B 14 -13.92 18.19 -4.68
C SER B 14 -14.75 17.21 -5.51
N VAL B 15 -15.93 17.65 -5.92
CA VAL B 15 -16.75 16.90 -6.88
C VAL B 15 -17.11 17.80 -8.06
N ARG B 16 -17.54 17.19 -9.19
CA ARG B 16 -17.99 17.97 -10.35
C ARG B 16 -19.36 18.63 -10.07
N LYS B 17 -19.61 19.85 -10.52
CA LYS B 17 -20.96 20.41 -10.29
C LYS B 17 -21.86 20.31 -11.54
N LYS B 25 -14.93 21.44 -15.85
CA LYS B 25 -14.42 22.59 -15.08
C LYS B 25 -15.25 22.85 -13.81
N GLU B 26 -16.12 21.90 -13.50
CA GLU B 26 -17.15 22.07 -12.48
C GLU B 26 -16.65 21.91 -11.03
N LEU B 27 -15.53 21.22 -10.83
CA LEU B 27 -15.04 20.82 -9.49
C LEU B 27 -15.21 21.86 -8.36
N GLU B 28 -16.06 21.50 -7.40
CA GLU B 28 -16.39 22.27 -6.20
C GLU B 28 -16.02 21.49 -4.88
N ILE B 29 -15.48 22.22 -3.90
CA ILE B 29 -14.99 21.63 -2.66
C ILE B 29 -16.14 21.25 -1.74
N ILE B 30 -16.07 20.09 -1.11
CA ILE B 30 -17.11 19.64 -0.21
C ILE B 30 -16.52 19.05 1.04
N SER B 31 -15.20 18.93 1.08
CA SER B 31 -14.54 18.36 2.24
C SER B 31 -13.09 18.79 2.31
N GLU B 32 -12.60 18.96 3.53
CA GLU B 32 -11.22 19.38 3.72
C GLU B 32 -10.67 19.01 5.08
N ILE B 33 -9.43 18.56 5.10
CA ILE B 33 -8.72 18.33 6.36
C ILE B 33 -7.34 18.98 6.32
N LYS B 34 -6.79 19.28 7.50
CA LYS B 34 -5.38 19.61 7.61
C LYS B 34 -4.62 18.33 7.96
N ASN B 35 -3.67 18.41 8.89
CA ASN B 35 -2.93 17.21 9.31
C ASN B 35 -3.85 16.06 9.71
N GLY B 36 -3.49 14.87 9.27
CA GLY B 36 -4.31 13.70 9.53
C GLY B 36 -4.13 12.62 8.49
N LEU B 37 -5.08 11.70 8.44
CA LEU B 37 -5.00 10.55 7.58
C LEU B 37 -6.05 10.63 6.50
N ILE B 38 -5.66 10.27 5.27
CA ILE B 38 -6.65 9.97 4.24
C ILE B 38 -6.75 8.46 4.12
N CYS B 39 -7.97 7.94 4.21
CA CYS B 39 -8.14 6.51 4.22
C CYS B 39 -8.99 6.09 3.07
N PHE B 40 -8.38 5.38 2.13
CA PHE B 40 -9.14 4.83 1.02
C PHE B 40 -9.67 3.50 1.50
N LEU B 41 -10.98 3.40 1.53
CA LEU B 41 -11.63 2.24 2.12
C LEU B 41 -12.35 1.40 1.07
N GLY B 42 -11.93 0.16 0.92
CA GLY B 42 -12.64 -0.79 0.05
C GLY B 42 -13.45 -1.82 0.84
N ILE B 43 -14.75 -1.88 0.57
CA ILE B 43 -15.63 -2.80 1.28
C ILE B 43 -15.87 -4.09 0.48
N HIS B 44 -15.65 -5.22 1.13
CA HIS B 44 -15.72 -6.53 0.48
C HIS B 44 -17.13 -7.11 0.50
N LYS B 45 -17.40 -8.01 -0.45
CA LYS B 45 -18.69 -8.69 -0.58
C LYS B 45 -19.09 -9.37 0.73
N ASN B 46 -18.11 -9.97 1.40
CA ASN B 46 -18.36 -10.75 2.61
C ASN B 46 -17.92 -10.09 3.92
N ASP B 47 -17.90 -8.76 3.95
CA ASP B 47 -17.46 -8.07 5.15
C ASP B 47 -18.51 -8.06 6.24
N THR B 48 -18.09 -8.35 7.46
CA THR B 48 -18.95 -8.23 8.62
C THR B 48 -18.59 -6.96 9.37
N TRP B 49 -19.44 -6.59 10.33
CA TRP B 49 -19.17 -5.42 11.14
C TRP B 49 -17.84 -5.57 11.90
N GLU B 50 -17.47 -6.79 12.24
CA GLU B 50 -16.17 -7.03 12.87
C GLU B 50 -15.03 -6.59 11.95
N ASP B 51 -15.24 -6.74 10.64
CA ASP B 51 -14.28 -6.27 9.66
C ASP B 51 -14.19 -4.76 9.75
N ALA B 52 -15.34 -4.11 9.85
CA ALA B 52 -15.34 -2.66 9.88
C ALA B 52 -14.73 -2.13 11.16
N LEU B 53 -15.05 -2.78 12.28
CA LEU B 53 -14.51 -2.38 13.57
C LEU B 53 -12.99 -2.37 13.52
N TYR B 54 -12.43 -3.40 12.90
CA TYR B 54 -11.00 -3.55 12.84
C TYR B 54 -10.36 -2.36 12.14
N ILE B 55 -10.86 -2.04 10.96
CA ILE B 55 -10.39 -0.89 10.19
C ILE B 55 -10.44 0.39 11.03
N ILE B 56 -11.61 0.68 11.58
CA ILE B 56 -11.79 1.88 12.37
C ILE B 56 -10.79 1.92 13.52
N ARG B 57 -10.62 0.81 14.22
CA ARG B 57 -9.67 0.74 15.30
C ARG B 57 -8.27 1.11 14.80
N LYS B 58 -7.84 0.50 13.70
CA LYS B 58 -6.50 0.70 13.20
C LYS B 58 -6.26 2.11 12.68
N CYS B 59 -7.30 2.69 12.09
CA CYS B 59 -7.16 4.05 11.58
C CYS B 59 -6.97 5.02 12.75
N LEU B 60 -7.74 4.82 13.82
CA LEU B 60 -7.72 5.73 14.94
C LEU B 60 -6.51 5.55 15.87
N ASN B 61 -5.85 4.39 15.82
CA ASN B 61 -4.86 4.06 16.82
C ASN B 61 -3.44 3.81 16.33
N LEU B 62 -3.26 3.56 15.04
CA LEU B 62 -1.93 3.42 14.49
C LEU B 62 -1.07 4.64 14.80
N ARG B 63 0.10 4.38 15.36
CA ARG B 63 1.02 5.43 15.73
C ARG B 63 1.94 5.78 14.57
N LEU B 64 1.54 6.77 13.78
CA LEU B 64 2.17 7.09 12.51
C LEU B 64 2.94 8.41 12.53
N TRP B 65 2.89 9.11 13.65
CA TRP B 65 3.62 10.35 13.75
C TRP B 65 4.77 10.21 14.74
N ASN B 66 5.85 10.91 14.43
CA ASN B 66 7.00 10.94 15.31
C ASN B 66 6.70 11.92 16.43
N ASN B 67 7.48 11.88 17.50
CA ASN B 67 7.15 12.62 18.70
C ASN B 67 8.35 13.34 19.31
N ASP B 68 9.12 14.04 18.46
CA ASP B 68 10.31 14.78 18.87
C ASP B 68 11.34 13.88 19.56
N ASN B 69 10.88 12.69 19.93
CA ASN B 69 11.67 11.78 20.73
C ASN B 69 11.58 10.34 20.26
N LYS B 70 10.44 9.98 19.67
CA LYS B 70 10.15 8.60 19.32
C LYS B 70 9.44 8.55 17.99
N THR B 71 9.83 7.59 17.17
CA THR B 71 9.26 7.43 15.85
C THR B 71 8.11 6.43 15.94
N TRP B 72 7.06 6.65 15.15
CA TRP B 72 5.89 5.79 15.24
C TRP B 72 5.37 5.78 16.64
N ASP B 73 5.06 6.96 17.15
CA ASP B 73 4.76 7.13 18.56
C ASP B 73 3.35 7.62 18.80
N LYS B 74 2.90 8.56 17.98
CA LYS B 74 1.61 9.19 18.19
C LYS B 74 0.58 8.79 17.11
N ASN B 75 -0.66 8.54 17.55
CA ASN B 75 -1.73 8.28 16.60
C ASN B 75 -2.57 9.54 16.30
N VAL B 76 -3.49 9.42 15.35
CA VAL B 76 -4.27 10.57 14.89
C VAL B 76 -5.08 11.27 16.00
N LYS B 77 -5.54 10.50 16.97
CA LYS B 77 -6.29 11.09 18.08
C LYS B 77 -5.36 11.86 19.03
N ASP B 78 -4.26 11.22 19.42
CA ASP B 78 -3.26 11.84 20.28
C ASP B 78 -2.95 13.25 19.86
N LEU B 79 -2.90 13.47 18.54
CA LEU B 79 -2.49 14.77 18.01
C LEU B 79 -3.67 15.68 17.73
N ASN B 80 -4.87 15.13 17.96
CA ASN B 80 -6.09 15.82 17.62
C ASN B 80 -6.22 16.10 16.13
N TYR B 81 -5.68 15.20 15.32
CA TYR B 81 -5.71 15.34 13.88
C TYR B 81 -6.99 14.76 13.28
N GLU B 82 -7.19 14.96 11.98
CA GLU B 82 -8.44 14.58 11.32
C GLU B 82 -8.32 13.35 10.41
N LEU B 83 -9.46 12.80 10.00
CA LEU B 83 -9.49 11.71 9.02
C LEU B 83 -10.43 12.01 7.88
N LEU B 84 -9.93 11.87 6.66
CA LEU B 84 -10.77 11.97 5.45
C LEU B 84 -11.04 10.55 4.93
N ILE B 85 -12.25 10.08 5.10
CA ILE B 85 -12.58 8.69 4.78
C ILE B 85 -13.22 8.57 3.40
N VAL B 86 -12.52 7.91 2.49
CA VAL B 86 -12.97 7.82 1.11
C VAL B 86 -13.22 6.40 0.63
N SER B 87 -14.43 6.15 0.12
CA SER B 87 -14.82 4.85 -0.40
C SER B 87 -14.06 4.55 -1.71
N GLN B 88 -13.53 3.34 -1.80
CA GLN B 88 -12.59 3.02 -2.87
C GLN B 88 -12.71 1.56 -3.32
N PHE B 89 -13.74 1.25 -4.11
CA PHE B 89 -13.96 -0.14 -4.51
C PHE B 89 -12.84 -0.68 -5.40
N THR B 90 -12.14 0.22 -6.09
CA THR B 90 -11.04 -0.15 -6.98
C THR B 90 -9.96 -0.95 -6.25
N LEU B 91 -9.98 -0.90 -4.92
CA LEU B 91 -9.05 -1.68 -4.11
C LEU B 91 -9.30 -3.18 -4.25
N PHE B 92 -10.48 -3.54 -4.73
CA PHE B 92 -10.78 -4.94 -5.01
C PHE B 92 -10.62 -5.26 -6.48
N GLY B 93 -10.15 -4.26 -7.22
CA GLY B 93 -9.79 -4.44 -8.61
C GLY B 93 -8.79 -5.57 -8.70
N ASN B 94 -9.20 -6.66 -9.35
CA ASN B 94 -8.35 -7.80 -9.57
C ASN B 94 -7.61 -7.62 -10.89
N THR B 95 -6.30 -7.74 -10.82
CA THR B 95 -5.44 -7.53 -11.97
C THR B 95 -4.61 -8.78 -12.27
N LYS B 96 -4.91 -9.86 -11.55
CA LYS B 96 -4.12 -11.07 -11.63
C LYS B 96 -4.18 -11.64 -13.05
N LYS B 97 -5.38 -11.59 -13.64
CA LYS B 97 -5.61 -12.26 -14.94
C LYS B 97 -5.93 -11.26 -16.06
N GLY B 98 -4.99 -10.38 -16.37
CA GLY B 98 -5.21 -9.39 -17.41
C GLY B 98 -5.12 -7.94 -16.95
N ASN B 99 -4.97 -7.03 -17.91
CA ASN B 99 -4.71 -5.63 -17.60
C ASN B 99 -5.94 -4.77 -17.47
N LYS B 100 -7.10 -5.40 -17.44
CA LYS B 100 -8.34 -4.68 -17.19
C LYS B 100 -8.88 -5.10 -15.83
N PRO B 101 -8.74 -4.20 -14.84
CA PRO B 101 -9.11 -4.57 -13.46
C PRO B 101 -10.58 -4.94 -13.39
N ASP B 102 -10.89 -5.97 -12.62
CA ASP B 102 -12.28 -6.37 -12.44
C ASP B 102 -12.60 -6.38 -10.94
N PHE B 103 -13.81 -6.00 -10.59
CA PHE B 103 -14.13 -5.75 -9.21
C PHE B 103 -15.27 -6.64 -8.75
N HIS B 104 -15.16 -7.94 -9.00
CA HIS B 104 -16.23 -8.84 -8.57
C HIS B 104 -16.33 -9.00 -7.04
N LEU B 105 -15.22 -8.77 -6.33
CA LEU B 105 -15.17 -8.94 -4.88
C LEU B 105 -15.79 -7.75 -4.12
N ALA B 106 -15.90 -6.60 -4.78
CA ALA B 106 -16.41 -5.40 -4.16
C ALA B 106 -17.89 -5.56 -3.83
N LYS B 107 -18.23 -5.31 -2.56
CA LYS B 107 -19.63 -5.40 -2.10
C LYS B 107 -20.50 -4.49 -2.96
N GLU B 108 -21.65 -5.00 -3.37
CA GLU B 108 -22.53 -4.27 -4.26
C GLU B 108 -22.82 -2.87 -3.71
N PRO B 109 -22.92 -1.86 -4.60
CA PRO B 109 -23.01 -0.43 -4.29
C PRO B 109 -24.09 -0.02 -3.29
N ASN B 110 -25.24 -0.68 -3.27
CA ASN B 110 -26.30 -0.29 -2.36
C ASN B 110 -26.05 -0.72 -0.90
N GLU B 111 -25.68 -1.98 -0.71
CA GLU B 111 -25.34 -2.46 0.61
C GLU B 111 -24.05 -1.77 1.09
N ALA B 112 -23.12 -1.57 0.16
CA ALA B 112 -21.85 -0.93 0.47
C ALA B 112 -22.04 0.47 1.05
N LEU B 113 -22.96 1.23 0.46
CA LEU B 113 -23.21 2.59 0.92
C LEU B 113 -23.72 2.62 2.37
N ILE B 114 -24.64 1.72 2.68
CA ILE B 114 -25.15 1.60 4.04
C ILE B 114 -24.01 1.26 5.03
N PHE B 115 -23.25 0.23 4.69
CA PHE B 115 -22.09 -0.19 5.45
C PHE B 115 -21.13 0.98 5.68
N TYR B 116 -20.78 1.70 4.61
CA TYR B 116 -19.89 2.85 4.70
C TYR B 116 -20.46 3.90 5.63
N ASN B 117 -21.72 4.25 5.44
CA ASN B 117 -22.33 5.21 6.34
C ASN B 117 -22.32 4.76 7.80
N LYS B 118 -22.60 3.48 8.03
CA LYS B 118 -22.52 2.93 9.37
C LYS B 118 -21.09 3.09 9.90
N ILE B 119 -20.12 2.84 9.03
CA ILE B 119 -18.71 2.97 9.37
C ILE B 119 -18.34 4.41 9.77
N ILE B 120 -18.82 5.37 8.99
CA ILE B 120 -18.59 6.76 9.30
C ILE B 120 -19.22 7.17 10.64
N ASP B 121 -20.38 6.60 10.97
CA ASP B 121 -20.99 6.88 12.27
C ASP B 121 -20.09 6.40 13.39
N GLU B 122 -19.61 5.17 13.26
CA GLU B 122 -18.72 4.57 14.25
C GLU B 122 -17.42 5.39 14.42
N PHE B 123 -16.86 5.89 13.32
CA PHE B 123 -15.68 6.73 13.41
C PHE B 123 -15.95 7.95 14.29
N LYS B 124 -17.09 8.59 14.06
CA LYS B 124 -17.46 9.77 14.82
C LYS B 124 -17.76 9.41 16.28
N LYS B 125 -18.39 8.26 16.49
CA LYS B 125 -18.73 7.79 17.82
N GLN B 126 -16.29 6.86 17.98
CA GLN B 126 -15.08 6.44 18.64
C GLN B 126 -14.09 7.59 18.79
N TYR B 127 -14.37 8.69 18.10
CA TYR B 127 -13.45 9.81 18.09
C TYR B 127 -14.21 11.10 18.37
N ASN B 128 -14.55 11.80 17.31
CA ASN B 128 -15.11 13.13 17.44
C ASN B 128 -15.87 13.47 16.16
N ASP B 129 -17.09 13.98 16.32
CA ASP B 129 -17.94 14.28 15.17
C ASP B 129 -17.29 15.26 14.19
N ASP B 130 -16.60 16.27 14.72
CA ASP B 130 -15.93 17.28 13.89
C ASP B 130 -14.62 16.81 13.23
N LYS B 131 -14.13 15.63 13.60
CA LYS B 131 -12.81 15.21 13.13
C LYS B 131 -12.89 14.26 11.94
N ILE B 132 -14.10 13.84 11.58
CA ILE B 132 -14.29 12.86 10.51
C ILE B 132 -14.91 13.44 9.25
N LYS B 133 -14.08 13.64 8.22
CA LYS B 133 -14.55 14.09 6.90
C LYS B 133 -14.79 12.92 5.94
N ILE B 134 -15.68 13.11 4.98
CA ILE B 134 -15.92 12.05 3.99
C ILE B 134 -15.96 12.57 2.55
N GLY B 135 -16.06 11.64 1.62
CA GLY B 135 -16.20 12.02 0.24
C GLY B 135 -17.62 11.77 -0.22
N LYS B 136 -17.88 12.01 -1.50
CA LYS B 136 -19.18 11.72 -2.07
C LYS B 136 -19.20 10.29 -2.59
N PHE B 137 -19.81 9.39 -1.84
CA PHE B 137 -19.85 7.98 -2.21
C PHE B 137 -20.33 7.78 -3.64
N GLY B 138 -19.58 6.98 -4.40
CA GLY B 138 -19.99 6.61 -5.74
C GLY B 138 -19.77 7.66 -6.81
N ASN B 139 -19.38 8.87 -6.40
CA ASN B 139 -19.19 9.95 -7.34
C ASN B 139 -17.74 10.17 -7.69
N TYR B 140 -17.49 10.67 -8.89
CA TYR B 140 -16.15 11.10 -9.25
C TYR B 140 -15.72 12.25 -8.32
N MET B 141 -14.50 12.14 -7.80
CA MET B 141 -13.93 13.12 -6.88
C MET B 141 -12.53 13.57 -7.29
N ASN B 142 -12.22 14.83 -7.02
CA ASN B 142 -10.86 15.33 -7.17
C ASN B 142 -10.31 15.59 -5.78
N ILE B 143 -9.22 14.92 -5.43
CA ILE B 143 -8.65 15.07 -4.10
C ILE B 143 -7.21 15.53 -4.12
N ASP B 144 -6.96 16.78 -3.76
CA ASP B 144 -5.60 17.28 -3.65
C ASP B 144 -5.05 16.86 -2.30
N VAL B 145 -4.00 16.06 -2.31
CA VAL B 145 -3.47 15.52 -1.08
C VAL B 145 -2.02 15.95 -0.94
N THR B 146 -1.70 16.55 0.20
CA THR B 146 -0.31 16.80 0.57
C THR B 146 0.20 15.64 1.42
N ASN B 147 0.88 14.71 0.76
CA ASN B 147 1.39 13.53 1.41
C ASN B 147 2.57 13.93 2.26
N ASP B 148 2.53 13.51 3.53
CA ASP B 148 3.50 13.88 4.54
C ASP B 148 4.43 12.72 4.82
N GLY B 149 5.58 12.69 4.16
CA GLY B 149 6.52 11.59 4.32
C GLY B 149 7.06 11.03 3.01
N PRO B 150 6.21 10.31 2.24
CA PRO B 150 4.82 10.00 2.58
C PRO B 150 4.80 8.82 3.52
N VAL B 151 3.64 8.50 4.03
CA VAL B 151 3.50 7.31 4.84
C VAL B 151 2.26 6.59 4.36
N THR B 152 2.48 5.44 3.74
CA THR B 152 1.38 4.66 3.21
C THR B 152 1.31 3.32 3.92
N ILE B 153 0.15 3.04 4.47
CA ILE B 153 -0.06 1.78 5.16
C ILE B 153 -1.16 1.01 4.48
N TYR B 154 -1.04 -0.30 4.47
CA TYR B 154 -2.07 -1.14 3.86
C TYR B 154 -2.51 -2.24 4.80
N ILE B 155 -3.81 -2.47 4.83
CA ILE B 155 -4.42 -3.45 5.71
C ILE B 155 -5.52 -4.20 4.97
N ASP B 156 -5.47 -5.52 5.02
CA ASP B 156 -6.58 -6.33 4.51
C ASP B 156 -7.08 -7.15 5.68
N THR B 157 -8.31 -6.91 6.12
CA THR B 157 -8.87 -7.64 7.25
C THR B 157 -9.06 -9.12 7.00
N HIS B 158 -9.06 -9.56 5.75
CA HIS B 158 -9.14 -10.98 5.47
C HIS B 158 -7.77 -11.64 5.58
N ASP B 159 -6.85 -10.95 6.25
CA ASP B 159 -5.54 -11.52 6.58
C ASP B 159 -5.47 -11.84 8.07
N MET C 1 -17.81 -34.65 13.33
CA MET C 1 -16.48 -35.02 12.85
C MET C 1 -15.54 -35.17 14.04
N ARG C 2 -14.74 -36.23 14.04
CA ARG C 2 -13.77 -36.43 15.10
C ARG C 2 -12.37 -36.50 14.54
N VAL C 3 -11.42 -35.88 15.20
CA VAL C 3 -10.03 -36.05 14.83
C VAL C 3 -9.16 -36.31 16.08
N VAL C 4 -8.24 -37.26 15.95
CA VAL C 4 -7.18 -37.43 16.92
C VAL C 4 -5.92 -36.91 16.26
N ILE C 5 -5.34 -35.87 16.87
CA ILE C 5 -4.15 -35.22 16.34
C ILE C 5 -2.97 -35.64 17.19
N GLN C 6 -1.90 -36.12 16.57
CA GLN C 6 -0.71 -36.46 17.34
C GLN C 6 0.52 -35.75 16.81
N ARG C 7 1.27 -35.15 17.72
CA ARG C 7 2.52 -34.48 17.37
C ARG C 7 3.61 -35.52 17.08
N VAL C 8 4.33 -35.34 15.97
CA VAL C 8 5.28 -36.36 15.50
C VAL C 8 6.59 -35.75 15.01
N LYS C 9 7.65 -36.53 15.04
CA LYS C 9 8.92 -36.10 14.50
C LYS C 9 9.00 -36.61 13.08
N GLY C 10 8.18 -37.62 12.80
CA GLY C 10 7.99 -38.13 11.46
C GLY C 10 6.94 -39.24 11.40
N ALA C 11 6.44 -39.50 10.19
CA ALA C 11 5.53 -40.61 9.93
C ALA C 11 5.76 -41.20 8.53
N ILE C 12 5.70 -42.53 8.42
CA ILE C 12 5.86 -43.20 7.16
C ILE C 12 4.70 -44.13 6.87
N LEU C 13 3.88 -43.75 5.89
CA LEU C 13 2.68 -44.51 5.54
C LEU C 13 2.93 -45.55 4.43
N SER C 14 2.50 -46.79 4.68
CA SER C 14 2.65 -47.87 3.71
C SER C 14 1.33 -48.59 3.47
N VAL C 15 1.20 -49.18 2.29
CA VAL C 15 0.06 -50.04 2.00
C VAL C 15 0.57 -51.40 1.53
N ARG C 16 -0.31 -52.40 1.53
CA ARG C 16 0.07 -53.73 1.05
C ARG C 16 0.39 -53.67 -0.45
N LYS C 17 1.60 -54.11 -0.80
CA LYS C 17 2.06 -54.06 -2.20
C LYS C 17 1.02 -54.68 -3.14
N GLU C 18 0.84 -54.09 -4.31
CA GLU C 18 -0.17 -54.57 -5.25
C GLU C 18 0.36 -55.64 -6.22
N LEU C 27 4.70 -54.86 1.76
CA LEU C 27 4.38 -53.45 2.06
C LEU C 27 5.17 -52.44 1.23
N GLU C 28 4.53 -51.31 0.92
CA GLU C 28 5.16 -50.27 0.11
C GLU C 28 4.82 -48.84 0.57
N ILE C 29 5.82 -47.97 0.60
CA ILE C 29 5.63 -46.61 1.07
C ILE C 29 4.95 -45.76 0.03
N ILE C 30 4.00 -44.93 0.46
CA ILE C 30 3.28 -44.05 -0.47
C ILE C 30 3.17 -42.63 0.08
N SER C 31 3.60 -42.45 1.34
CA SER C 31 3.50 -41.16 2.00
C SER C 31 4.49 -41.04 3.15
N GLU C 32 5.01 -39.83 3.32
CA GLU C 32 5.97 -39.60 4.39
C GLU C 32 6.03 -38.14 4.86
N ILE C 33 6.07 -37.95 6.18
CA ILE C 33 6.34 -36.62 6.71
C ILE C 33 7.49 -36.66 7.72
N LYS C 34 8.15 -35.51 7.88
CA LYS C 34 9.04 -35.30 9.01
C LYS C 34 8.21 -34.69 10.14
N ASN C 35 8.74 -33.65 10.77
CA ASN C 35 8.04 -33.01 11.89
C ASN C 35 6.69 -32.45 11.46
N GLY C 36 5.67 -32.69 12.28
CA GLY C 36 4.34 -32.22 11.97
C GLY C 36 3.28 -33.00 12.70
N LEU C 37 2.05 -32.92 12.21
CA LEU C 37 0.92 -33.61 12.82
C LEU C 37 0.46 -34.82 12.02
N ILE C 38 0.10 -35.90 12.69
CA ILE C 38 -0.68 -36.95 12.07
C ILE C 38 -2.11 -36.80 12.58
N CYS C 39 -3.05 -36.66 11.65
CA CYS C 39 -4.43 -36.43 12.03
C CYS C 39 -5.33 -37.58 11.62
N PHE C 40 -5.82 -38.31 12.59
CA PHE C 40 -6.76 -39.38 12.30
C PHE C 40 -8.13 -38.76 12.27
N LEU C 41 -8.75 -38.82 11.10
CA LEU C 41 -9.97 -38.06 10.85
C LEU C 41 -11.15 -39.00 10.66
N GLY C 42 -12.15 -38.89 11.53
CA GLY C 42 -13.38 -39.64 11.39
C GLY C 42 -14.52 -38.75 10.94
N ILE C 43 -15.16 -39.09 9.82
CA ILE C 43 -16.26 -38.29 9.26
C ILE C 43 -17.61 -38.87 9.62
N HIS C 44 -18.48 -38.02 10.13
CA HIS C 44 -19.76 -38.43 10.71
C HIS C 44 -20.88 -38.42 9.65
N LYS C 45 -21.90 -39.25 9.88
CA LYS C 45 -23.07 -39.34 9.01
C LYS C 45 -23.68 -37.96 8.69
N ASN C 46 -23.69 -37.09 9.69
CA ASN C 46 -24.37 -35.80 9.57
C ASN C 46 -23.42 -34.61 9.53
N ASP C 47 -22.21 -34.82 9.02
CA ASP C 47 -21.24 -33.73 8.98
C ASP C 47 -21.53 -32.76 7.85
N THR C 48 -21.45 -31.48 8.16
CA THR C 48 -21.54 -30.44 7.15
C THR C 48 -20.15 -29.92 6.87
N TRP C 49 -20.02 -29.10 5.84
CA TRP C 49 -18.74 -28.51 5.51
C TRP C 49 -18.23 -27.62 6.67
N GLU C 50 -19.15 -27.03 7.42
CA GLU C 50 -18.75 -26.25 8.59
C GLU C 50 -18.00 -27.14 9.57
N ASP C 51 -18.46 -28.38 9.71
CA ASP C 51 -17.75 -29.35 10.52
C ASP C 51 -16.34 -29.57 10.02
N ALA C 52 -16.19 -29.71 8.70
CA ALA C 52 -14.86 -29.91 8.11
C ALA C 52 -13.96 -28.68 8.24
N LEU C 53 -14.53 -27.50 8.02
CA LEU C 53 -13.77 -26.28 8.18
C LEU C 53 -13.16 -26.17 9.58
N TYR C 54 -13.96 -26.56 10.58
CA TYR C 54 -13.52 -26.46 11.96
C TYR C 54 -12.26 -27.31 12.21
N ILE C 55 -12.35 -28.58 11.83
CA ILE C 55 -11.24 -29.50 11.94
C ILE C 55 -10.00 -28.93 11.27
N ILE C 56 -10.15 -28.52 10.01
CA ILE C 56 -9.01 -27.99 9.27
C ILE C 56 -8.41 -26.77 9.97
N ARG C 57 -9.27 -25.93 10.52
CA ARG C 57 -8.81 -24.72 11.19
C ARG C 57 -7.97 -25.10 12.39
N LYS C 58 -8.50 -26.02 13.20
CA LYS C 58 -7.80 -26.44 14.41
C LYS C 58 -6.50 -27.18 14.12
N CYS C 59 -6.48 -28.02 13.08
CA CYS C 59 -5.26 -28.74 12.75
C CYS C 59 -4.14 -27.77 12.38
N LEU C 60 -4.52 -26.75 11.63
CA LEU C 60 -3.55 -25.79 11.11
C LEU C 60 -3.10 -24.76 12.13
N ASN C 61 -3.91 -24.54 13.17
CA ASN C 61 -3.66 -23.41 14.06
C ASN C 61 -3.38 -23.72 15.53
N LEU C 62 -3.68 -24.93 15.97
CA LEU C 62 -3.34 -25.33 17.33
C LEU C 62 -1.85 -25.19 17.58
N ARG C 63 -1.52 -24.49 18.66
CA ARG C 63 -0.14 -24.22 19.01
C ARG C 63 0.39 -25.35 19.89
N LEU C 64 1.04 -26.33 19.27
CA LEU C 64 1.39 -27.58 19.93
C LEU C 64 2.88 -27.76 20.07
N TRP C 65 3.65 -26.78 19.61
CA TRP C 65 5.08 -26.83 19.80
C TRP C 65 5.53 -25.77 20.79
N ASN C 66 6.52 -26.13 21.58
CA ASN C 66 7.08 -25.16 22.47
C ASN C 66 7.92 -24.22 21.64
N ASN C 67 8.06 -23.00 22.10
CA ASN C 67 9.06 -22.13 21.54
C ASN C 67 10.13 -21.89 22.57
N ASP C 68 11.12 -22.77 22.59
CA ASP C 68 12.34 -22.52 23.34
C ASP C 68 11.97 -22.15 24.77
N ASN C 69 11.26 -23.07 25.43
CA ASN C 69 10.77 -22.89 26.82
C ASN C 69 9.26 -22.65 26.95
N LYS C 70 8.74 -21.65 26.23
CA LYS C 70 7.30 -21.34 26.23
C LYS C 70 6.53 -22.51 25.61
N THR C 71 5.62 -23.06 26.38
CA THR C 71 4.88 -24.23 25.92
C THR C 71 3.66 -23.77 25.15
N TRP C 72 3.27 -24.56 24.16
CA TRP C 72 2.04 -24.33 23.42
C TRP C 72 2.01 -22.98 22.72
N ASP C 73 3.04 -22.71 21.93
CA ASP C 73 3.27 -21.39 21.37
C ASP C 73 3.18 -21.37 19.84
N LYS C 74 3.73 -22.38 19.20
CA LYS C 74 3.82 -22.43 17.76
C LYS C 74 2.89 -23.49 17.15
N ASN C 75 2.24 -23.16 16.04
CA ASN C 75 1.43 -24.14 15.31
C ASN C 75 2.18 -24.72 14.11
N VAL C 76 1.60 -25.75 13.49
CA VAL C 76 2.26 -26.46 12.40
C VAL C 76 2.71 -25.58 11.22
N LYS C 77 1.94 -24.53 10.92
CA LYS C 77 2.31 -23.56 9.89
C LYS C 77 3.50 -22.68 10.29
N ASP C 78 3.45 -22.13 11.50
CA ASP C 78 4.53 -21.30 12.02
C ASP C 78 5.88 -21.97 11.82
N LEU C 79 5.92 -23.27 12.03
CA LEU C 79 7.18 -24.00 11.95
C LEU C 79 7.47 -24.56 10.57
N ASN C 80 6.55 -24.32 9.64
CA ASN C 80 6.66 -24.90 8.31
C ASN C 80 6.69 -26.41 8.35
N TYR C 81 5.93 -26.99 9.27
CA TYR C 81 5.83 -28.44 9.39
C TYR C 81 4.72 -29.03 8.52
N GLU C 82 4.63 -30.36 8.49
CA GLU C 82 3.72 -31.05 7.59
C GLU C 82 2.54 -31.68 8.31
N LEU C 83 1.54 -32.10 7.56
CA LEU C 83 0.42 -32.85 8.10
C LEU C 83 0.15 -34.12 7.30
N LEU C 84 0.04 -35.24 7.99
CA LEU C 84 -0.35 -36.48 7.36
C LEU C 84 -1.79 -36.72 7.74
N ILE C 85 -2.69 -36.60 6.76
CA ILE C 85 -4.12 -36.72 7.05
C ILE C 85 -4.69 -38.10 6.74
N VAL C 86 -5.16 -38.79 7.78
CA VAL C 86 -5.59 -40.18 7.60
C VAL C 86 -7.04 -40.42 7.99
N SER C 87 -7.80 -41.00 7.08
CA SER C 87 -9.22 -41.31 7.33
C SER C 87 -9.36 -42.45 8.32
N GLN C 88 -10.25 -42.27 9.28
CA GLN C 88 -10.29 -43.18 10.42
C GLN C 88 -11.71 -43.35 10.94
N PHE C 89 -12.51 -44.17 10.27
CA PHE C 89 -13.93 -44.33 10.65
C PHE C 89 -14.08 -45.02 12.00
N THR C 90 -13.06 -45.79 12.38
CA THR C 90 -13.10 -46.49 13.65
C THR C 90 -13.30 -45.53 14.84
N LEU C 91 -13.07 -44.23 14.61
CA LEU C 91 -13.29 -43.24 15.67
C LEU C 91 -14.76 -43.11 16.02
N PHE C 92 -15.64 -43.67 15.18
CA PHE C 92 -17.07 -43.68 15.46
C PHE C 92 -17.48 -45.06 15.92
N GLY C 93 -16.49 -45.92 16.09
CA GLY C 93 -16.71 -47.22 16.69
C GLY C 93 -17.33 -47.00 18.06
N ASN C 94 -18.58 -47.45 18.21
CA ASN C 94 -19.30 -47.38 19.46
C ASN C 94 -19.03 -48.64 20.29
N THR C 95 -18.60 -48.42 21.52
CA THR C 95 -18.19 -49.52 22.38
C THR C 95 -19.01 -49.51 23.65
N LYS C 96 -20.01 -48.60 23.70
CA LYS C 96 -20.83 -48.43 24.90
C LYS C 96 -21.57 -49.71 25.27
N LYS C 97 -22.08 -50.41 24.26
CA LYS C 97 -22.94 -51.58 24.48
C LYS C 97 -22.32 -52.88 23.99
N GLY C 98 -21.17 -53.26 24.51
CA GLY C 98 -20.53 -54.50 24.13
C GLY C 98 -19.11 -54.32 23.63
N ASN C 99 -18.38 -55.44 23.55
CA ASN C 99 -16.96 -55.42 23.19
C ASN C 99 -16.65 -55.55 21.73
N LYS C 100 -17.68 -55.49 20.89
CA LYS C 100 -17.48 -55.45 19.45
C LYS C 100 -17.88 -54.07 18.92
N PRO C 101 -16.89 -53.23 18.59
CA PRO C 101 -17.19 -51.87 18.18
C PRO C 101 -18.12 -51.89 16.96
N ASP C 102 -19.09 -50.97 16.93
CA ASP C 102 -19.94 -50.85 15.77
C ASP C 102 -19.88 -49.41 15.25
N PHE C 103 -19.99 -49.24 13.94
CA PHE C 103 -19.72 -47.94 13.35
C PHE C 103 -20.90 -47.37 12.58
N HIS C 104 -22.09 -47.39 13.17
CA HIS C 104 -23.28 -46.91 12.48
C HIS C 104 -23.25 -45.40 12.26
N LEU C 105 -22.49 -44.69 13.06
CA LEU C 105 -22.42 -43.23 12.95
C LEU C 105 -21.49 -42.74 11.84
N ALA C 106 -20.62 -43.62 11.37
CA ALA C 106 -19.63 -43.26 10.36
C ALA C 106 -20.31 -43.03 9.01
N LYS C 107 -20.09 -41.85 8.43
CA LYS C 107 -20.66 -41.52 7.11
C LYS C 107 -20.31 -42.61 6.11
N GLU C 108 -21.27 -43.01 5.29
CA GLU C 108 -21.08 -44.12 4.37
C GLU C 108 -19.85 -43.86 3.49
N PRO C 109 -19.10 -44.93 3.14
CA PRO C 109 -17.81 -44.91 2.46
C PRO C 109 -17.72 -44.07 1.17
N ASN C 110 -18.78 -44.04 0.38
CA ASN C 110 -18.73 -43.28 -0.87
C ASN C 110 -18.83 -41.76 -0.68
N GLU C 111 -19.82 -41.31 0.08
CA GLU C 111 -19.93 -39.88 0.36
C GLU C 111 -18.72 -39.45 1.19
N ALA C 112 -18.32 -40.29 2.13
CA ALA C 112 -17.17 -40.01 3.00
C ALA C 112 -15.90 -39.70 2.19
N LEU C 113 -15.65 -40.51 1.15
CA LEU C 113 -14.47 -40.33 0.32
C LEU C 113 -14.44 -38.97 -0.36
N ILE C 114 -15.58 -38.56 -0.89
CA ILE C 114 -15.70 -37.26 -1.53
C ILE C 114 -15.44 -36.16 -0.49
N PHE C 115 -16.10 -36.28 0.66
CA PHE C 115 -15.93 -35.33 1.73
C PHE C 115 -14.45 -35.21 2.11
N TYR C 116 -13.83 -36.35 2.34
CA TYR C 116 -12.41 -36.41 2.68
C TYR C 116 -11.54 -35.71 1.63
N ASN C 117 -11.75 -36.06 0.37
CA ASN C 117 -11.02 -35.40 -0.71
C ASN C 117 -11.24 -33.88 -0.71
N LYS C 118 -12.48 -33.46 -0.54
CA LYS C 118 -12.75 -32.03 -0.47
C LYS C 118 -11.97 -31.43 0.70
N ILE C 119 -11.94 -32.16 1.82
CA ILE C 119 -11.19 -31.72 2.99
C ILE C 119 -9.70 -31.57 2.69
N ILE C 120 -9.12 -32.56 2.02
CA ILE C 120 -7.71 -32.49 1.64
C ILE C 120 -7.43 -31.29 0.74
N ASP C 121 -8.36 -31.00 -0.17
CA ASP C 121 -8.19 -29.83 -1.03
C ASP C 121 -8.13 -28.55 -0.21
N GLU C 122 -9.05 -28.43 0.74
CA GLU C 122 -9.10 -27.28 1.62
C GLU C 122 -7.82 -27.13 2.43
N PHE C 123 -7.28 -28.24 2.92
CA PHE C 123 -6.03 -28.20 3.66
C PHE C 123 -4.94 -27.55 2.82
N LYS C 124 -4.82 -28.04 1.58
CA LYS C 124 -3.80 -27.52 0.68
C LYS C 124 -4.06 -26.07 0.36
N LYS C 125 -5.33 -25.69 0.29
CA LYS C 125 -5.69 -24.33 -0.04
C LYS C 125 -5.33 -23.37 1.11
N GLN C 126 -5.57 -23.80 2.35
CA GLN C 126 -5.33 -22.94 3.52
C GLN C 126 -3.88 -22.93 3.95
N TYR C 127 -3.10 -23.85 3.41
CA TYR C 127 -1.72 -23.97 3.80
C TYR C 127 -0.83 -23.98 2.57
N ASN C 128 -0.47 -25.17 2.13
CA ASN C 128 0.54 -25.33 1.11
C ASN C 128 0.37 -26.71 0.52
N ASP C 129 0.36 -26.78 -0.81
CA ASP C 129 0.15 -28.03 -1.50
C ASP C 129 1.16 -29.12 -1.12
N ASP C 130 2.42 -28.71 -0.96
CA ASP C 130 3.52 -29.62 -0.63
C ASP C 130 3.55 -30.07 0.84
N LYS C 131 2.73 -29.46 1.69
CA LYS C 131 2.79 -29.77 3.11
C LYS C 131 1.73 -30.75 3.56
N ILE C 132 0.81 -31.13 2.68
CA ILE C 132 -0.28 -32.03 3.06
C ILE C 132 -0.14 -33.42 2.46
N LYS C 133 0.20 -34.42 3.27
CA LYS C 133 0.24 -35.81 2.82
C LYS C 133 -1.04 -36.53 3.22
N ILE C 134 -1.34 -37.63 2.55
CA ILE C 134 -2.52 -38.39 2.89
C ILE C 134 -2.27 -39.91 2.90
N GLY C 135 -3.26 -40.67 3.35
CA GLY C 135 -3.20 -42.11 3.24
C GLY C 135 -4.06 -42.62 2.09
N LYS C 136 -4.09 -43.94 1.93
CA LYS C 136 -4.94 -44.59 0.94
C LYS C 136 -6.32 -44.83 1.56
N PHE C 137 -7.29 -43.97 1.27
CA PHE C 137 -8.63 -44.08 1.83
C PHE C 137 -9.21 -45.49 1.69
N GLY C 138 -9.73 -46.01 2.79
CA GLY C 138 -10.42 -47.30 2.77
C GLY C 138 -9.52 -48.51 2.70
N ASN C 139 -8.23 -48.29 2.50
CA ASN C 139 -7.28 -49.39 2.43
C ASN C 139 -6.52 -49.67 3.73
N TYR C 140 -6.10 -50.91 3.93
CA TYR C 140 -5.22 -51.23 5.06
C TYR C 140 -3.90 -50.53 4.89
N MET C 141 -3.46 -49.87 5.96
CA MET C 141 -2.21 -49.10 5.96
C MET C 141 -1.31 -49.46 7.15
N ASN C 142 0.00 -49.40 6.91
CA ASN C 142 0.97 -49.53 7.97
C ASN C 142 1.61 -48.16 8.17
N ILE C 143 1.43 -47.57 9.35
CA ILE C 143 2.02 -46.24 9.59
C ILE C 143 3.00 -46.22 10.74
N ASP C 144 4.28 -46.03 10.43
CA ASP C 144 5.30 -45.92 11.46
C ASP C 144 5.32 -44.48 11.91
N VAL C 145 5.01 -44.27 13.18
CA VAL C 145 4.92 -42.91 13.69
C VAL C 145 5.92 -42.67 14.82
N THR C 146 6.74 -41.64 14.67
CA THR C 146 7.57 -41.22 15.79
C THR C 146 6.81 -40.16 16.58
N ASN C 147 6.12 -40.58 17.62
CA ASN C 147 5.38 -39.67 18.48
C ASN C 147 6.32 -38.79 19.28
N ASP C 148 6.07 -37.49 19.24
CA ASP C 148 6.98 -36.50 19.80
C ASP C 148 6.35 -35.93 21.07
N GLY C 149 6.66 -36.50 22.23
CA GLY C 149 6.06 -36.02 23.46
C GLY C 149 5.59 -37.12 24.39
N PRO C 150 4.50 -37.81 24.03
CA PRO C 150 3.72 -37.56 22.83
C PRO C 150 2.80 -36.43 23.12
N VAL C 151 2.11 -35.94 22.10
CA VAL C 151 1.06 -34.95 22.27
C VAL C 151 -0.14 -35.42 21.49
N THR C 152 -1.18 -35.83 22.20
CA THR C 152 -2.38 -36.33 21.57
C THR C 152 -3.54 -35.42 21.92
N ILE C 153 -4.16 -34.85 20.90
CA ILE C 153 -5.30 -33.97 21.06
C ILE C 153 -6.54 -34.62 20.45
N TYR C 154 -7.69 -34.40 21.06
CA TYR C 154 -8.94 -34.92 20.54
C TYR C 154 -10.00 -33.83 20.47
N ILE C 155 -10.70 -33.83 19.33
CA ILE C 155 -11.74 -32.87 19.00
C ILE C 155 -12.95 -33.58 18.40
N ASP C 156 -14.12 -33.28 18.92
CA ASP C 156 -15.36 -33.76 18.31
C ASP C 156 -16.16 -32.51 18.01
N THR C 157 -16.42 -32.24 16.73
CA THR C 157 -17.11 -31.02 16.32
C THR C 157 -18.57 -30.99 16.77
N HIS C 158 -19.12 -32.16 17.10
CA HIS C 158 -20.48 -32.20 17.64
C HIS C 158 -20.53 -31.84 19.13
N ASP C 159 -19.46 -31.22 19.62
CA ASP C 159 -19.40 -30.67 20.97
C ASP C 159 -19.46 -29.15 20.91
N MET D 1 -12.66 -39.95 32.43
CA MET D 1 -11.44 -40.54 31.91
C MET D 1 -11.54 -40.68 30.40
N ARG D 2 -10.46 -40.35 29.70
CA ARG D 2 -10.44 -40.51 28.25
C ARG D 2 -9.28 -41.39 27.84
N VAL D 3 -9.53 -42.25 26.86
CA VAL D 3 -8.43 -43.03 26.30
C VAL D 3 -8.51 -43.08 24.77
N VAL D 4 -7.35 -42.89 24.14
CA VAL D 4 -7.21 -43.18 22.73
C VAL D 4 -6.44 -44.47 22.63
N ILE D 5 -7.08 -45.48 22.08
CA ILE D 5 -6.48 -46.80 21.91
C ILE D 5 -6.09 -46.97 20.47
N GLN D 6 -4.84 -47.33 20.20
CA GLN D 6 -4.44 -47.63 18.82
C GLN D 6 -3.84 -49.02 18.67
N ARG D 7 -4.35 -49.77 17.70
CA ARG D 7 -3.81 -51.09 17.39
C ARG D 7 -2.43 -50.96 16.74
N VAL D 8 -1.46 -51.75 17.22
CA VAL D 8 -0.08 -51.62 16.77
C VAL D 8 0.57 -52.98 16.48
N LYS D 9 1.61 -52.96 15.66
CA LYS D 9 2.43 -54.15 15.44
C LYS D 9 3.61 -54.12 16.39
N GLY D 10 3.93 -52.91 16.85
CA GLY D 10 4.93 -52.72 17.89
C GLY D 10 4.97 -51.27 18.33
N ALA D 11 5.59 -51.03 19.49
CA ALA D 11 5.86 -49.67 19.98
C ALA D 11 7.11 -49.63 20.83
N ILE D 12 7.91 -48.59 20.65
CA ILE D 12 9.17 -48.45 21.38
C ILE D 12 9.27 -47.09 22.07
N LEU D 13 9.16 -47.11 23.40
CA LEU D 13 9.14 -45.88 24.19
C LEU D 13 10.52 -45.46 24.69
N SER D 14 10.87 -44.20 24.46
CA SER D 14 12.16 -43.65 24.86
C SER D 14 12.00 -42.37 25.67
N VAL D 15 12.97 -42.09 26.52
CA VAL D 15 13.02 -40.84 27.26
C VAL D 15 14.37 -40.17 27.05
N ARG D 16 14.49 -38.89 27.37
CA ARG D 16 15.77 -38.19 27.18
C ARG D 16 16.79 -38.54 28.28
N LYS D 17 18.10 -38.47 27.96
CA LYS D 17 19.16 -38.81 28.93
C LYS D 17 20.08 -37.64 29.34
N GLU D 18 21.24 -37.97 29.92
CA GLU D 18 22.16 -37.01 30.55
C GLU D 18 23.52 -36.82 29.84
N ASN D 19 24.29 -37.90 29.72
CA ASN D 19 25.62 -37.84 29.11
C ASN D 19 25.74 -38.69 27.84
N GLU D 26 21.51 -40.10 23.53
CA GLU D 26 20.63 -38.92 23.75
C GLU D 26 19.26 -39.32 24.28
N LEU D 27 18.53 -40.03 23.44
CA LEU D 27 17.33 -40.75 23.82
C LEU D 27 17.67 -42.18 24.24
N GLU D 28 16.84 -42.76 25.11
CA GLU D 28 17.10 -44.11 25.63
C GLU D 28 15.80 -44.90 25.83
N ILE D 29 15.82 -46.15 25.39
CA ILE D 29 14.64 -46.99 25.45
C ILE D 29 14.36 -47.48 26.86
N ILE D 30 13.09 -47.47 27.28
CA ILE D 30 12.74 -47.96 28.62
C ILE D 30 11.53 -48.88 28.56
N SER D 31 10.91 -48.97 27.39
CA SER D 31 9.72 -49.80 27.25
C SER D 31 9.52 -50.23 25.81
N GLU D 32 8.97 -51.41 25.61
CA GLU D 32 8.75 -51.89 24.27
C GLU D 32 7.65 -52.94 24.23
N ILE D 33 6.82 -52.87 23.20
CA ILE D 33 5.88 -53.95 22.93
C ILE D 33 5.91 -54.37 21.46
N LYS D 34 5.47 -55.59 21.20
CA LYS D 34 5.22 -56.01 19.83
C LYS D 34 3.73 -55.83 19.58
N ASN D 35 3.07 -56.80 18.97
CA ASN D 35 1.65 -56.65 18.69
C ASN D 35 0.86 -56.38 19.96
N GLY D 36 -0.08 -55.47 19.84
CA GLY D 36 -0.91 -55.08 20.98
C GLY D 36 -1.45 -53.67 20.86
N LEU D 37 -1.85 -53.09 21.99
CA LEU D 37 -2.48 -51.77 22.00
C LEU D 37 -1.56 -50.75 22.62
N ILE D 38 -1.53 -49.55 22.06
CA ILE D 38 -0.98 -48.42 22.78
C ILE D 38 -2.17 -47.58 23.27
N CYS D 39 -2.22 -47.35 24.58
CA CYS D 39 -3.35 -46.63 25.17
C CYS D 39 -2.93 -45.31 25.76
N PHE D 40 -3.37 -44.24 25.14
CA PHE D 40 -3.10 -42.91 25.66
C PHE D 40 -4.22 -42.61 26.63
N LEU D 41 -3.84 -42.47 27.89
CA LEU D 41 -4.82 -42.38 28.95
C LEU D 41 -4.82 -40.99 29.59
N GLY D 42 -5.95 -40.30 29.50
CA GLY D 42 -6.13 -39.04 30.18
C GLY D 42 -7.01 -39.19 31.42
N ILE D 43 -6.49 -38.79 32.58
CA ILE D 43 -7.23 -38.86 33.84
C ILE D 43 -7.88 -37.54 34.22
N HIS D 44 -9.18 -37.59 34.51
CA HIS D 44 -9.99 -36.39 34.76
C HIS D 44 -9.97 -35.96 36.23
N LYS D 45 -10.22 -34.68 36.46
CA LYS D 45 -10.28 -34.10 37.81
C LYS D 45 -11.22 -34.90 38.72
N ASN D 46 -12.36 -35.30 38.16
CA ASN D 46 -13.40 -35.97 38.94
C ASN D 46 -13.53 -37.48 38.65
N ASP D 47 -12.44 -38.13 38.30
CA ASP D 47 -12.51 -39.56 38.00
C ASP D 47 -12.56 -40.40 39.26
N THR D 48 -13.47 -41.38 39.26
CA THR D 48 -13.55 -42.38 40.32
C THR D 48 -12.89 -43.67 39.85
N TRP D 49 -12.70 -44.60 40.77
CA TRP D 49 -12.10 -45.88 40.41
C TRP D 49 -13.01 -46.60 39.44
N GLU D 50 -14.33 -46.37 39.53
CA GLU D 50 -15.25 -46.94 38.55
C GLU D 50 -14.91 -46.47 37.14
N ASP D 51 -14.50 -45.22 37.00
CA ASP D 51 -14.03 -44.69 35.73
C ASP D 51 -12.81 -45.48 35.26
N ALA D 52 -11.86 -45.70 36.16
CA ALA D 52 -10.67 -46.46 35.78
C ALA D 52 -10.98 -47.92 35.41
N LEU D 53 -11.91 -48.55 36.12
CA LEU D 53 -12.25 -49.94 35.88
C LEU D 53 -12.80 -50.07 34.49
N TYR D 54 -13.63 -49.11 34.12
CA TYR D 54 -14.23 -49.12 32.80
C TYR D 54 -13.18 -49.14 31.68
N ILE D 55 -12.25 -48.18 31.74
CA ILE D 55 -11.15 -48.10 30.79
C ILE D 55 -10.38 -49.42 30.70
N ILE D 56 -9.92 -49.91 31.84
CA ILE D 56 -9.18 -51.16 31.88
C ILE D 56 -10.00 -52.29 31.23
N ARG D 57 -11.28 -52.35 31.56
CA ARG D 57 -12.12 -53.41 31.03
C ARG D 57 -12.14 -53.34 29.51
N LYS D 58 -12.39 -52.14 28.99
CA LYS D 58 -12.48 -51.97 27.54
C LYS D 58 -11.14 -52.23 26.84
N CYS D 59 -10.04 -51.79 27.42
CA CYS D 59 -8.76 -52.00 26.79
C CYS D 59 -8.49 -53.50 26.67
N LEU D 60 -8.82 -54.25 27.72
CA LEU D 60 -8.51 -55.66 27.74
C LEU D 60 -9.49 -56.51 26.94
N ASN D 61 -10.67 -55.96 26.62
CA ASN D 61 -11.73 -56.81 26.07
C ASN D 61 -12.28 -56.42 24.71
N LEU D 62 -11.99 -55.21 24.24
CA LEU D 62 -12.37 -54.80 22.89
C LEU D 62 -11.78 -55.73 21.85
N ARG D 63 -12.63 -56.24 20.97
CA ARG D 63 -12.22 -57.18 19.95
C ARG D 63 -11.82 -56.41 18.70
N LEU D 64 -10.51 -56.19 18.56
CA LEU D 64 -9.98 -55.26 17.55
C LEU D 64 -9.14 -55.97 16.50
N TRP D 65 -9.04 -57.29 16.60
CA TRP D 65 -8.29 -58.06 15.63
C TRP D 65 -9.20 -59.06 14.93
N ASN D 66 -8.75 -59.55 13.77
CA ASN D 66 -9.55 -60.49 12.99
C ASN D 66 -9.06 -61.93 13.17
N THR D 71 -13.61 -60.72 11.61
CA THR D 71 -13.40 -59.30 11.88
C THR D 71 -13.87 -58.88 13.27
N TRP D 72 -13.23 -57.88 13.86
CA TRP D 72 -13.55 -57.43 15.21
C TRP D 72 -13.95 -58.62 16.06
N ASP D 73 -13.03 -59.57 16.18
CA ASP D 73 -13.37 -60.86 16.76
C ASP D 73 -12.54 -61.15 18.02
N LYS D 74 -11.25 -60.84 17.96
CA LYS D 74 -10.33 -61.19 19.04
C LYS D 74 -9.85 -59.95 19.80
N ASN D 75 -9.74 -60.08 21.13
CA ASN D 75 -9.20 -59.00 21.95
C ASN D 75 -7.73 -59.22 22.30
N VAL D 76 -7.11 -58.24 22.94
CA VAL D 76 -5.67 -58.28 23.18
C VAL D 76 -5.23 -59.49 24.02
N LYS D 77 -6.13 -59.96 24.89
CA LYS D 77 -5.83 -61.11 25.74
C LYS D 77 -5.91 -62.41 24.94
N ASP D 78 -7.00 -62.56 24.19
CA ASP D 78 -7.19 -63.72 23.31
C ASP D 78 -5.90 -64.04 22.53
N LEU D 79 -5.24 -62.98 22.05
CA LEU D 79 -4.08 -63.17 21.21
C LEU D 79 -2.78 -63.17 21.99
N ASN D 80 -2.89 -63.09 23.31
CA ASN D 80 -1.71 -62.93 24.15
C ASN D 80 -0.85 -61.75 23.75
N TYR D 81 -1.50 -60.68 23.30
CA TYR D 81 -0.77 -59.46 22.94
C TYR D 81 -0.54 -58.53 24.15
N GLU D 82 0.24 -57.48 23.92
CA GLU D 82 0.66 -56.59 25.01
C GLU D 82 -0.07 -55.24 25.03
N LEU D 83 0.09 -54.49 26.10
CA LEU D 83 -0.43 -53.14 26.18
C LEU D 83 0.66 -52.19 26.66
N LEU D 84 0.88 -51.11 25.90
CA LEU D 84 1.72 -50.02 26.36
C LEU D 84 0.80 -48.91 26.85
N ILE D 85 0.77 -48.70 28.17
CA ILE D 85 -0.13 -47.69 28.77
C ILE D 85 0.58 -46.36 29.03
N VAL D 86 0.11 -45.30 28.37
CA VAL D 86 0.80 -44.01 28.45
C VAL D 86 -0.12 -42.88 28.96
N SER D 87 0.36 -42.17 29.98
CA SER D 87 -0.39 -41.04 30.56
C SER D 87 -0.41 -39.86 29.61
N GLN D 88 -1.59 -39.28 29.43
CA GLN D 88 -1.76 -38.31 28.36
C GLN D 88 -2.77 -37.24 28.76
N PHE D 89 -2.32 -36.26 29.55
CA PHE D 89 -3.23 -35.22 30.04
C PHE D 89 -3.73 -34.30 28.93
N THR D 90 -2.94 -34.20 27.85
CA THR D 90 -3.32 -33.36 26.70
C THR D 90 -4.69 -33.74 26.11
N LEU D 91 -5.19 -34.92 26.47
CA LEU D 91 -6.51 -35.34 26.02
C LEU D 91 -7.62 -34.52 26.66
N PHE D 92 -7.28 -33.76 27.69
CA PHE D 92 -8.23 -32.84 28.30
C PHE D 92 -7.93 -31.43 27.88
N GLY D 93 -6.96 -31.29 26.98
CA GLY D 93 -6.70 -30.02 26.35
C GLY D 93 -7.99 -29.52 25.76
N ASN D 94 -8.46 -28.39 26.24
CA ASN D 94 -9.64 -27.76 25.69
C ASN D 94 -9.24 -26.77 24.59
N THR D 95 -9.85 -26.92 23.43
CA THR D 95 -9.52 -26.12 22.26
C THR D 95 -10.77 -25.40 21.74
N LYS D 96 -11.86 -25.48 22.50
CA LYS D 96 -13.13 -24.87 22.11
C LYS D 96 -13.01 -23.35 21.98
N LYS D 97 -12.26 -22.75 22.89
CA LYS D 97 -12.20 -21.29 22.97
C LYS D 97 -10.80 -20.74 22.70
N GLY D 98 -10.26 -21.03 21.53
CA GLY D 98 -8.96 -20.50 21.16
C GLY D 98 -7.95 -21.58 20.78
N ASN D 99 -6.87 -21.15 20.13
CA ASN D 99 -5.87 -22.09 19.58
C ASN D 99 -4.75 -22.50 20.55
N LYS D 100 -4.88 -22.12 21.81
CA LYS D 100 -3.94 -22.56 22.82
C LYS D 100 -4.65 -23.51 23.78
N PRO D 101 -4.35 -24.80 23.65
CA PRO D 101 -5.10 -25.79 24.45
C PRO D 101 -4.92 -25.50 25.93
N ASP D 102 -5.96 -25.67 26.70
CA ASP D 102 -5.83 -25.50 28.15
C ASP D 102 -6.34 -26.76 28.84
N PHE D 103 -5.72 -27.13 29.95
CA PHE D 103 -5.98 -28.43 30.53
C PHE D 103 -6.50 -28.34 31.96
N HIS D 104 -7.51 -27.50 32.18
CA HIS D 104 -8.04 -27.32 33.54
C HIS D 104 -8.77 -28.56 34.05
N LEU D 105 -9.27 -29.39 33.13
CA LEU D 105 -9.99 -30.61 33.52
C LEU D 105 -9.09 -31.78 33.92
N ALA D 106 -7.81 -31.72 33.54
CA ALA D 106 -6.87 -32.79 33.86
C ALA D 106 -6.60 -32.85 35.36
N LYS D 107 -6.84 -34.02 35.96
CA LYS D 107 -6.58 -34.23 37.38
C LYS D 107 -5.14 -33.80 37.69
N GLU D 108 -4.96 -33.10 38.81
CA GLU D 108 -3.65 -32.55 39.13
C GLU D 108 -2.58 -33.68 39.15
N PRO D 109 -1.35 -33.34 38.76
CA PRO D 109 -0.24 -34.27 38.54
C PRO D 109 0.08 -35.25 39.68
N ASN D 110 -0.07 -34.83 40.93
CA ASN D 110 0.28 -35.71 42.04
C ASN D 110 -0.77 -36.80 42.29
N GLU D 111 -2.05 -36.41 42.33
CA GLU D 111 -3.11 -37.39 42.51
C GLU D 111 -3.18 -38.28 41.27
N ALA D 112 -3.00 -37.65 40.10
CA ALA D 112 -3.03 -38.36 38.83
C ALA D 112 -2.02 -39.51 38.77
N LEU D 113 -0.80 -39.25 39.21
CA LEU D 113 0.24 -40.27 39.24
C LEU D 113 -0.15 -41.48 40.08
N ILE D 114 -0.69 -41.23 41.28
CA ILE D 114 -1.15 -42.31 42.14
C ILE D 114 -2.26 -43.10 41.43
N PHE D 115 -3.24 -42.38 40.90
CA PHE D 115 -4.33 -42.98 40.16
C PHE D 115 -3.83 -43.86 39.02
N TYR D 116 -2.91 -43.31 38.23
CA TYR D 116 -2.31 -44.02 37.11
C TYR D 116 -1.62 -45.29 37.58
N ASN D 117 -0.77 -45.18 38.61
CA ASN D 117 -0.10 -46.34 39.15
C ASN D 117 -1.08 -47.41 39.61
N LYS D 118 -2.15 -46.98 40.28
CA LYS D 118 -3.18 -47.92 40.74
C LYS D 118 -3.79 -48.60 39.52
N ILE D 119 -3.97 -47.84 38.45
CA ILE D 119 -4.53 -48.36 37.20
C ILE D 119 -3.63 -49.40 36.54
N ILE D 120 -2.33 -49.12 36.51
CA ILE D 120 -1.37 -50.07 36.00
C ILE D 120 -1.36 -51.37 36.81
N ASP D 121 -1.52 -51.27 38.14
CA ASP D 121 -1.59 -52.45 38.98
C ASP D 121 -2.80 -53.29 38.59
N GLU D 122 -3.95 -52.63 38.42
CA GLU D 122 -5.17 -53.32 38.05
C GLU D 122 -5.03 -54.01 36.67
N PHE D 123 -4.38 -53.35 35.72
CA PHE D 123 -4.13 -53.96 34.42
C PHE D 123 -3.38 -55.26 34.58
N LYS D 124 -2.31 -55.23 35.37
CA LYS D 124 -1.52 -56.44 35.58
C LYS D 124 -2.31 -57.51 36.33
N LYS D 125 -3.21 -57.07 37.22
CA LYS D 125 -4.03 -57.99 38.01
C LYS D 125 -5.05 -58.69 37.14
N GLN D 126 -5.67 -57.95 36.22
CA GLN D 126 -6.72 -58.49 35.35
C GLN D 126 -6.16 -59.25 34.15
N TYR D 127 -4.87 -59.10 33.89
CA TYR D 127 -4.26 -59.73 32.74
C TYR D 127 -3.03 -60.52 33.18
N ASN D 128 -1.87 -59.90 33.04
CA ASN D 128 -0.62 -60.60 33.22
C ASN D 128 0.46 -59.57 33.47
N ASP D 129 1.28 -59.79 34.48
CA ASP D 129 2.29 -58.83 34.86
C ASP D 129 3.26 -58.49 33.72
N ASP D 130 3.62 -59.50 32.94
CA ASP D 130 4.59 -59.36 31.84
C ASP D 130 3.98 -58.72 30.58
N LYS D 131 2.66 -58.57 30.55
CA LYS D 131 2.00 -58.05 29.35
C LYS D 131 1.70 -56.55 29.40
N ILE D 132 1.99 -55.89 30.53
CA ILE D 132 1.68 -54.47 30.69
C ILE D 132 2.92 -53.57 30.75
N LYS D 133 3.20 -52.84 29.67
CA LYS D 133 4.30 -51.86 29.66
C LYS D 133 3.78 -50.47 29.96
N ILE D 134 4.65 -49.58 30.42
CA ILE D 134 4.23 -48.21 30.71
C ILE D 134 5.26 -47.19 30.25
N GLY D 135 4.92 -45.93 30.36
CA GLY D 135 5.85 -44.88 30.00
C GLY D 135 6.34 -44.20 31.24
N LYS D 136 7.19 -43.20 31.10
CA LYS D 136 7.64 -42.42 32.24
C LYS D 136 6.67 -41.26 32.53
N PHE D 137 5.82 -41.44 33.53
CA PHE D 137 4.79 -40.44 33.85
C PHE D 137 5.34 -39.02 34.01
N GLY D 138 4.73 -38.05 33.33
CA GLY D 138 5.13 -36.67 33.44
C GLY D 138 6.35 -36.27 32.65
N ASN D 139 7.06 -37.23 32.09
CA ASN D 139 8.28 -36.93 31.35
C ASN D 139 8.08 -36.88 29.87
N TYR D 140 8.93 -36.14 29.18
CA TYR D 140 8.93 -36.13 27.72
C TYR D 140 9.35 -37.52 27.24
N MET D 141 8.62 -38.05 26.26
CA MET D 141 8.85 -39.38 25.72
C MET D 141 8.86 -39.36 24.21
N ASN D 142 9.70 -40.21 23.63
CA ASN D 142 9.68 -40.48 22.19
C ASN D 142 9.10 -41.86 21.97
N ILE D 143 7.97 -41.98 21.29
CA ILE D 143 7.40 -43.30 21.06
C ILE D 143 7.25 -43.65 19.59
N ASP D 144 8.09 -44.56 19.10
CA ASP D 144 7.95 -45.05 17.72
C ASP D 144 6.85 -46.10 17.68
N VAL D 145 5.79 -45.81 16.96
CA VAL D 145 4.65 -46.71 16.94
C VAL D 145 4.40 -47.21 15.54
N THR D 146 4.31 -48.53 15.39
CA THR D 146 3.87 -49.10 14.13
C THR D 146 2.38 -49.33 14.19
N ASN D 147 1.61 -48.36 13.69
CA ASN D 147 0.16 -48.47 13.63
C ASN D 147 -0.29 -49.55 12.66
N ASP D 148 -1.16 -50.41 13.14
CA ASP D 148 -1.56 -51.61 12.42
C ASP D 148 -2.99 -51.42 11.94
N GLY D 149 -3.16 -50.86 10.75
CA GLY D 149 -4.49 -50.63 10.20
C GLY D 149 -4.64 -49.29 9.49
N PRO D 150 -4.61 -48.19 10.26
CA PRO D 150 -4.51 -48.20 11.73
C PRO D 150 -5.88 -48.49 12.32
N VAL D 151 -5.92 -48.66 13.63
CA VAL D 151 -7.20 -48.78 14.29
C VAL D 151 -7.18 -47.87 15.51
N THR D 152 -7.96 -46.81 15.46
CA THR D 152 -7.96 -45.86 16.56
C THR D 152 -9.34 -45.83 17.18
N ILE D 153 -9.39 -46.14 18.46
CA ILE D 153 -10.65 -46.10 19.19
C ILE D 153 -10.60 -45.01 20.26
N TYR D 154 -11.74 -44.35 20.47
CA TYR D 154 -11.84 -43.33 21.49
C TYR D 154 -12.99 -43.60 22.46
N ILE D 155 -12.68 -43.42 23.74
CA ILE D 155 -13.64 -43.62 24.84
C ILE D 155 -13.54 -42.51 25.87
N ASP D 156 -14.68 -41.92 26.19
CA ASP D 156 -14.77 -40.98 27.30
C ASP D 156 -15.75 -41.56 28.30
N THR D 157 -15.27 -41.92 29.48
CA THR D 157 -16.14 -42.53 30.49
C THR D 157 -17.25 -41.60 30.99
N HIS D 158 -17.07 -40.30 30.83
CA HIS D 158 -18.11 -39.36 31.24
C HIS D 158 -19.22 -39.30 30.20
N ASP D 159 -19.25 -40.31 29.33
CA ASP D 159 -20.33 -40.44 28.34
C ASP D 159 -21.26 -41.57 28.73
N ILE D 160 -20.80 -42.39 29.67
CA ILE D 160 -21.66 -43.41 30.24
C ILE D 160 -21.78 -43.09 31.73
N MET E 1 19.00 29.39 -23.17
CA MET E 1 18.84 30.79 -22.76
C MET E 1 17.36 31.16 -22.82
N ARG E 2 16.91 31.89 -21.80
CA ARG E 2 15.54 32.36 -21.80
C ARG E 2 15.47 33.87 -21.69
N VAL E 3 14.50 34.46 -22.39
CA VAL E 3 14.28 35.88 -22.26
C VAL E 3 12.80 36.20 -22.19
N VAL E 4 12.46 37.10 -21.28
CA VAL E 4 11.13 37.69 -21.26
C VAL E 4 11.30 39.10 -21.76
N ILE E 5 10.62 39.41 -22.85
CA ILE E 5 10.72 40.71 -23.48
C ILE E 5 9.43 41.46 -23.21
N GLN E 6 9.53 42.69 -22.73
CA GLN E 6 8.31 43.47 -22.58
C GLN E 6 8.40 44.81 -23.24
N ARG E 7 7.38 45.14 -24.02
CA ARG E 7 7.31 46.43 -24.66
C ARG E 7 7.02 47.51 -23.60
N VAL E 8 7.80 48.59 -23.64
CA VAL E 8 7.65 49.66 -22.68
C VAL E 8 7.61 51.09 -23.28
N LYS E 9 6.99 52.02 -22.56
CA LYS E 9 7.08 53.43 -22.93
C LYS E 9 8.30 54.05 -22.24
N GLY E 10 8.71 53.44 -21.14
CA GLY E 10 9.96 53.80 -20.50
C GLY E 10 10.30 52.83 -19.38
N ALA E 11 11.54 52.87 -18.93
CA ALA E 11 11.96 52.13 -17.73
C ALA E 11 13.07 52.87 -16.98
N ILE E 12 13.03 52.81 -15.66
CA ILE E 12 14.04 53.49 -14.84
C ILE E 12 14.63 52.54 -13.82
N LEU E 13 15.90 52.21 -14.01
CA LEU E 13 16.57 51.20 -13.18
C LEU E 13 17.34 51.86 -12.02
N SER E 14 17.12 51.35 -10.80
CA SER E 14 17.78 51.85 -9.60
C SER E 14 18.46 50.74 -8.80
N ILE E 29 19.31 55.93 -9.23
CA ILE E 29 19.15 55.67 -10.67
C ILE E 29 20.51 55.46 -11.35
N ILE E 30 20.62 54.43 -12.19
CA ILE E 30 21.86 54.13 -12.89
C ILE E 30 21.59 53.84 -14.38
N SER E 31 20.32 53.73 -14.73
CA SER E 31 19.96 53.41 -16.10
C SER E 31 18.54 53.88 -16.40
N GLU E 32 18.32 54.28 -17.65
CA GLU E 32 16.98 54.71 -18.06
C GLU E 32 16.75 54.61 -19.56
N ILE E 33 15.56 54.17 -19.94
CA ILE E 33 15.17 54.20 -21.36
C ILE E 33 13.77 54.80 -21.50
N LYS E 34 13.50 55.33 -22.69
CA LYS E 34 12.15 55.71 -23.03
C LYS E 34 11.52 54.52 -23.78
N ASN E 35 10.84 54.79 -24.89
CA ASN E 35 10.24 53.70 -25.67
C ASN E 35 11.26 52.66 -26.10
N GLY E 36 10.87 51.41 -26.01
CA GLY E 36 11.76 50.30 -26.30
C GLY E 36 11.40 49.02 -25.55
N LEU E 37 12.37 48.11 -25.44
CA LEU E 37 12.12 46.83 -24.82
C LEU E 37 12.87 46.73 -23.51
N ILE E 38 12.24 46.12 -22.51
CA ILE E 38 13.00 45.61 -21.38
C ILE E 38 13.14 44.09 -21.55
N CYS E 39 14.37 43.62 -21.50
CA CYS E 39 14.62 42.20 -21.72
C CYS E 39 15.19 41.56 -20.47
N PHE E 40 14.41 40.67 -19.87
CA PHE E 40 14.90 39.90 -18.74
C PHE E 40 15.56 38.65 -19.28
N LEU E 41 16.85 38.54 -19.03
CA LEU E 41 17.66 37.54 -19.70
C LEU E 41 18.19 36.53 -18.71
N GLY E 42 17.81 35.27 -18.90
CA GLY E 42 18.31 34.17 -18.08
C GLY E 42 19.29 33.34 -18.87
N ILE E 43 20.52 33.20 -18.36
CA ILE E 43 21.57 32.43 -19.02
C ILE E 43 21.67 31.02 -18.46
N HIS E 44 21.67 30.04 -19.35
CA HIS E 44 21.62 28.63 -18.97
C HIS E 44 23.01 28.02 -18.79
N LYS E 45 23.10 26.96 -18.00
CA LYS E 45 24.35 26.26 -17.71
C LYS E 45 25.07 25.88 -19.00
N ASN E 46 24.30 25.44 -19.98
CA ASN E 46 24.84 24.89 -21.22
C ASN E 46 24.64 25.80 -22.43
N ASP E 47 24.60 27.11 -22.19
CA ASP E 47 24.42 28.04 -23.30
C ASP E 47 25.70 28.25 -24.11
N THR E 48 25.56 28.17 -25.42
CA THR E 48 26.64 28.51 -26.33
C THR E 48 26.41 29.93 -26.86
N TRP E 49 27.43 30.48 -27.51
CA TRP E 49 27.29 31.79 -28.12
C TRP E 49 26.17 31.80 -29.18
N GLU E 50 25.93 30.66 -29.81
CA GLU E 50 24.82 30.54 -30.76
C GLU E 50 23.50 30.80 -30.05
N ASP E 51 23.39 30.36 -28.80
CA ASP E 51 22.23 30.67 -27.97
C ASP E 51 22.11 32.17 -27.72
N ALA E 52 23.22 32.83 -27.43
CA ALA E 52 23.20 34.28 -27.22
C ALA E 52 22.89 35.08 -28.50
N LEU E 53 23.48 34.66 -29.62
CA LEU E 53 23.20 35.29 -30.91
C LEU E 53 21.71 35.28 -31.18
N TYR E 54 21.08 34.15 -30.92
CA TYR E 54 19.66 33.98 -31.22
C TYR E 54 18.81 35.01 -30.47
N ILE E 55 19.04 35.12 -29.17
CA ILE E 55 18.37 36.10 -28.32
C ILE E 55 18.56 37.52 -28.82
N ILE E 56 19.81 37.91 -29.00
CA ILE E 56 20.10 39.24 -29.51
C ILE E 56 19.37 39.52 -30.84
N ARG E 57 19.40 38.55 -31.74
CA ARG E 57 18.76 38.68 -33.04
C ARG E 57 17.27 38.95 -32.85
N LYS E 58 16.62 38.16 -32.02
CA LYS E 58 15.18 38.29 -31.80
C LYS E 58 14.81 39.58 -31.08
N CYS E 59 15.65 40.00 -30.14
CA CYS E 59 15.36 41.23 -29.41
C CYS E 59 15.40 42.38 -30.36
N LEU E 60 16.39 42.38 -31.25
CA LEU E 60 16.58 43.49 -32.19
C LEU E 60 15.61 43.51 -33.38
N ASN E 61 14.98 42.38 -33.69
CA ASN E 61 14.24 42.28 -34.96
C ASN E 61 12.76 41.95 -34.86
N LEU E 62 12.32 41.44 -33.72
CA LEU E 62 10.90 41.20 -33.49
C LEU E 62 10.10 42.47 -33.75
N ARG E 63 9.08 42.34 -34.57
CA ARG E 63 8.24 43.46 -34.93
C ARG E 63 7.08 43.56 -33.95
N LEU E 64 7.26 44.41 -32.93
CA LEU E 64 6.34 44.48 -31.79
C LEU E 64 5.56 45.78 -31.71
N TRP E 65 5.78 46.68 -32.65
CA TRP E 65 5.06 47.94 -32.69
C TRP E 65 4.16 47.98 -33.94
N ASN E 66 3.03 48.69 -33.83
CA ASN E 66 2.14 48.91 -34.98
C ASN E 66 2.69 50.05 -35.82
N ASN E 67 2.35 50.06 -37.11
CA ASN E 67 2.75 51.17 -37.95
C ASN E 67 1.59 51.79 -38.74
N ASP E 68 0.95 52.79 -38.14
CA ASP E 68 -0.16 53.50 -38.77
C ASP E 68 -1.40 52.62 -39.04
N ASN E 69 -1.20 51.51 -39.74
CA ASN E 69 -2.29 50.65 -40.17
C ASN E 69 -1.99 49.16 -40.08
N LYS E 70 -0.71 48.82 -40.02
CA LYS E 70 -0.30 47.43 -39.95
C LYS E 70 0.22 47.07 -38.56
N THR E 71 -0.32 46.00 -37.98
CA THR E 71 0.08 45.49 -36.68
C THR E 71 1.40 44.69 -36.72
N TRP E 72 2.10 44.57 -35.58
CA TRP E 72 3.32 43.75 -35.52
C TRP E 72 4.17 44.01 -36.75
N ASP E 73 4.56 45.26 -36.93
CA ASP E 73 5.15 45.70 -38.18
C ASP E 73 6.59 46.20 -38.02
N LYS E 74 6.83 46.97 -36.98
CA LYS E 74 8.13 47.60 -36.77
C LYS E 74 8.86 47.00 -35.58
N ASN E 75 10.18 46.86 -35.73
CA ASN E 75 11.02 46.40 -34.62
C ASN E 75 11.73 47.56 -33.92
N VAL E 76 12.41 47.26 -32.81
CA VAL E 76 13.00 48.29 -31.97
C VAL E 76 14.00 49.18 -32.73
N LYS E 77 14.69 48.60 -33.70
CA LYS E 77 15.64 49.39 -34.48
C LYS E 77 14.92 50.34 -35.46
N ASP E 78 13.96 49.79 -36.21
CA ASP E 78 13.15 50.59 -37.13
C ASP E 78 12.71 51.89 -36.49
N LEU E 79 12.31 51.84 -35.22
CA LEU E 79 11.77 53.03 -34.56
C LEU E 79 12.84 53.83 -33.81
N ASN E 80 14.08 53.36 -33.92
CA ASN E 80 15.19 53.95 -33.19
C ASN E 80 14.95 53.96 -31.69
N TYR E 81 14.30 52.90 -31.20
CA TYR E 81 14.02 52.73 -29.76
C TYR E 81 15.17 52.07 -29.00
N GLU E 82 15.03 51.99 -27.69
CA GLU E 82 16.12 51.49 -26.84
C GLU E 82 15.85 50.11 -26.24
N LEU E 83 16.89 49.52 -25.66
CA LEU E 83 16.75 48.25 -24.95
C LEU E 83 17.42 48.32 -23.59
N LEU E 84 16.67 47.92 -22.57
CA LEU E 84 17.23 47.80 -21.25
C LEU E 84 17.40 46.32 -20.99
N ILE E 85 18.66 45.88 -20.96
CA ILE E 85 18.95 44.45 -20.82
C ILE E 85 19.27 44.05 -19.39
N VAL E 86 18.46 43.17 -18.83
CA VAL E 86 18.57 42.83 -17.41
C VAL E 86 18.76 41.33 -17.15
N SER E 87 19.82 40.99 -16.40
CA SER E 87 20.13 39.59 -16.04
C SER E 87 19.14 39.03 -15.02
N GLN E 88 18.65 37.83 -15.27
CA GLN E 88 17.50 37.36 -14.53
C GLN E 88 17.55 35.86 -14.39
N PHE E 89 18.37 35.37 -13.47
CA PHE E 89 18.56 33.93 -13.34
C PHE E 89 17.30 33.24 -12.84
N THR E 90 16.44 33.99 -12.17
CA THR E 90 15.21 33.43 -11.64
C THR E 90 14.34 32.77 -12.72
N LEU E 91 14.64 33.07 -13.98
CA LEU E 91 13.89 32.51 -15.10
C LEU E 91 14.16 31.00 -15.21
N PHE E 92 15.20 30.54 -14.52
CA PHE E 92 15.51 29.12 -14.49
C PHE E 92 15.06 28.51 -13.16
N LEU E 105 19.76 25.09 -12.95
CA LEU E 105 20.03 25.20 -14.37
C LEU E 105 20.75 26.50 -14.74
N ALA E 106 20.66 27.50 -13.86
CA ALA E 106 21.25 28.81 -14.13
C ALA E 106 22.78 28.71 -14.16
N LYS E 107 23.39 29.17 -15.25
CA LYS E 107 24.85 29.16 -15.38
C LYS E 107 25.46 29.89 -14.18
N GLU E 108 26.53 29.31 -13.63
CA GLU E 108 27.14 29.86 -12.43
C GLU E 108 27.48 31.35 -12.62
N PRO E 109 27.35 32.16 -11.55
CA PRO E 109 27.47 33.63 -11.54
C PRO E 109 28.72 34.23 -12.20
N ASN E 110 29.87 33.56 -12.10
CA ASN E 110 31.10 34.11 -12.67
C ASN E 110 31.17 33.96 -14.20
N GLU E 111 30.94 32.76 -14.70
CA GLU E 111 30.87 32.55 -16.15
C GLU E 111 29.72 33.35 -16.74
N ALA E 112 28.58 33.34 -16.05
CA ALA E 112 27.40 34.06 -16.47
C ALA E 112 27.66 35.54 -16.73
N LEU E 113 28.39 36.18 -15.81
CA LEU E 113 28.69 37.61 -15.93
C LEU E 113 29.51 37.91 -17.19
N ILE E 114 30.52 37.10 -17.44
CA ILE E 114 31.31 37.25 -18.67
C ILE E 114 30.42 37.09 -19.91
N PHE E 115 29.63 36.01 -19.94
CA PHE E 115 28.69 35.75 -21.01
C PHE E 115 27.76 36.97 -21.24
N TYR E 116 27.16 37.44 -20.15
CA TYR E 116 26.27 38.59 -20.19
C TYR E 116 26.98 39.81 -20.79
N ASN E 117 28.17 40.13 -20.26
CA ASN E 117 28.94 41.25 -20.81
C ASN E 117 29.26 41.08 -22.30
N LYS E 118 29.63 39.87 -22.72
CA LYS E 118 29.86 39.61 -24.14
C LYS E 118 28.58 39.87 -24.92
N ILE E 119 27.46 39.45 -24.34
CA ILE E 119 26.14 39.66 -24.93
C ILE E 119 25.82 41.15 -25.13
N ILE E 120 26.09 41.94 -24.09
CA ILE E 120 25.88 43.38 -24.17
C ILE E 120 26.75 44.02 -25.23
N ASP E 121 27.99 43.56 -25.36
CA ASP E 121 28.86 44.05 -26.44
C ASP E 121 28.26 43.78 -27.81
N GLU E 122 27.78 42.55 -28.00
CA GLU E 122 27.15 42.16 -29.26
C GLU E 122 25.91 43.02 -29.56
N PHE E 123 25.10 43.30 -28.54
CA PHE E 123 23.94 44.17 -28.73
C PHE E 123 24.37 45.51 -29.29
N LYS E 124 25.38 46.11 -28.67
CA LYS E 124 25.87 47.41 -29.12
C LYS E 124 26.48 47.32 -30.51
N LYS E 125 27.15 46.21 -30.79
CA LYS E 125 27.75 46.00 -32.10
C LYS E 125 26.68 45.87 -33.21
N GLN E 126 25.60 45.13 -32.95
CA GLN E 126 24.56 44.92 -33.96
C GLN E 126 23.57 46.07 -34.07
N TYR E 127 23.61 46.98 -33.10
CA TYR E 127 22.69 48.11 -33.10
C TYR E 127 23.46 49.42 -32.98
N ASN E 128 23.55 49.91 -31.75
CA ASN E 128 24.06 51.24 -31.51
C ASN E 128 24.48 51.34 -30.05
N ASP E 129 25.68 51.84 -29.82
CA ASP E 129 26.24 51.88 -28.45
C ASP E 129 25.34 52.65 -27.47
N ASP E 130 24.74 53.74 -27.97
CA ASP E 130 23.89 54.62 -27.15
C ASP E 130 22.47 54.06 -26.91
N LYS E 131 22.10 53.00 -27.63
CA LYS E 131 20.75 52.44 -27.52
C LYS E 131 20.63 51.26 -26.56
N ILE E 132 21.74 50.78 -26.01
CA ILE E 132 21.70 49.61 -25.13
C ILE E 132 22.01 49.97 -23.67
N LYS E 133 20.97 49.95 -22.83
CA LYS E 133 21.15 50.12 -21.37
C LYS E 133 21.21 48.77 -20.66
N ILE E 134 21.83 48.75 -19.48
CA ILE E 134 21.89 47.52 -18.70
C ILE E 134 21.61 47.75 -17.21
N GLY E 135 21.47 46.66 -16.47
CA GLY E 135 21.31 46.74 -15.03
C GLY E 135 22.62 46.41 -14.32
N LYS E 136 22.61 46.47 -12.99
CA LYS E 136 23.77 46.04 -12.20
C LYS E 136 23.72 44.52 -11.95
N PHE E 137 24.50 43.76 -12.73
CA PHE E 137 24.49 42.30 -12.67
C PHE E 137 24.67 41.80 -11.24
N GLY E 138 23.82 40.86 -10.84
CA GLY E 138 23.92 40.23 -9.53
C GLY E 138 23.44 41.07 -8.37
N ASN E 139 23.12 42.34 -8.63
CA ASN E 139 22.68 43.23 -7.54
C ASN E 139 21.17 43.38 -7.47
N TYR E 140 20.66 43.68 -6.27
CA TYR E 140 19.26 44.05 -6.13
C TYR E 140 18.97 45.35 -6.87
N MET E 141 17.89 45.35 -7.65
CA MET E 141 17.53 46.48 -8.49
C MET E 141 16.04 46.84 -8.34
N ASN E 142 15.76 48.13 -8.45
CA ASN E 142 14.39 48.60 -8.47
C ASN E 142 14.12 49.15 -9.88
N ILE E 143 13.21 48.53 -10.62
CA ILE E 143 12.95 48.98 -11.97
C ILE E 143 11.52 49.43 -12.18
N ASP E 144 11.33 50.72 -12.40
CA ASP E 144 9.99 51.23 -12.68
C ASP E 144 9.74 51.10 -14.16
N VAL E 145 8.76 50.27 -14.52
CA VAL E 145 8.52 50.00 -15.93
C VAL E 145 7.13 50.49 -16.32
N THR E 146 7.07 51.27 -17.39
CA THR E 146 5.79 51.60 -18.01
C THR E 146 5.50 50.64 -19.15
N ASN E 147 4.76 49.58 -18.83
CA ASN E 147 4.41 48.56 -19.80
C ASN E 147 3.46 49.13 -20.81
N ASP E 148 3.77 48.93 -22.07
CA ASP E 148 3.05 49.53 -23.18
C ASP E 148 2.21 48.47 -23.90
N GLY E 149 0.98 48.27 -23.47
CA GLY E 149 0.13 47.27 -24.07
C GLY E 149 -0.67 46.46 -23.06
N PRO E 150 0.01 45.60 -22.28
CA PRO E 150 1.45 45.37 -22.36
C PRO E 150 1.71 44.40 -23.48
N VAL E 151 2.97 44.14 -23.76
CA VAL E 151 3.34 43.14 -24.75
C VAL E 151 4.46 42.33 -24.18
N THR E 152 4.14 41.10 -23.80
CA THR E 152 5.14 40.24 -23.21
C THR E 152 5.41 39.06 -24.13
N ILE E 153 6.67 38.91 -24.49
CA ILE E 153 7.09 37.81 -25.33
C ILE E 153 8.06 36.91 -24.56
N TYR E 154 7.95 35.61 -24.81
CA TYR E 154 8.86 34.65 -24.18
C TYR E 154 9.54 33.76 -25.22
N ILE E 155 10.84 33.56 -25.01
CA ILE E 155 11.68 32.75 -25.87
C ILE E 155 12.62 31.87 -25.03
N ASP E 156 12.62 30.58 -25.32
CA ASP E 156 13.61 29.67 -24.79
C ASP E 156 14.40 29.08 -25.97
N THR E 157 15.68 29.39 -26.06
CA THR E 157 16.50 28.89 -27.17
C THR E 157 16.68 27.38 -27.17
N HIS E 158 16.45 26.72 -26.05
CA HIS E 158 16.51 25.28 -26.01
C HIS E 158 15.21 24.66 -26.56
N ASP E 159 14.43 25.47 -27.26
CA ASP E 159 13.25 24.98 -27.98
C ASP E 159 13.52 24.94 -29.49
N MET F 1 -0.94 26.68 -20.64
CA MET F 1 -1.05 28.01 -20.06
C MET F 1 0.32 28.54 -19.71
N ARG F 2 0.55 29.81 -20.01
CA ARG F 2 1.83 30.39 -19.64
C ARG F 2 1.63 31.59 -18.74
N VAL F 3 2.52 31.74 -17.76
CA VAL F 3 2.48 32.95 -16.96
C VAL F 3 3.88 33.53 -16.71
N VAL F 4 3.98 34.84 -16.86
CA VAL F 4 5.19 35.51 -16.42
C VAL F 4 4.82 36.24 -15.14
N ILE F 5 5.49 35.89 -14.04
CA ILE F 5 5.23 36.43 -12.72
C ILE F 5 6.35 37.35 -12.35
N GLN F 6 6.04 38.59 -12.02
CA GLN F 6 7.09 39.50 -11.57
C GLN F 6 6.82 40.06 -10.19
N ARG F 7 7.84 40.01 -9.32
CA ARG F 7 7.74 40.57 -7.98
C ARG F 7 7.77 42.10 -8.04
N VAL F 8 6.82 42.74 -7.35
CA VAL F 8 6.67 44.20 -7.45
C VAL F 8 6.47 44.89 -6.09
N LYS F 9 6.89 46.15 -6.02
CA LYS F 9 6.62 46.97 -4.85
C LYS F 9 5.28 47.68 -5.03
N GLY F 10 4.89 47.83 -6.29
CA GLY F 10 3.56 48.28 -6.67
C GLY F 10 3.31 48.19 -8.17
N ALA F 11 2.03 48.29 -8.56
CA ALA F 11 1.65 48.40 -9.96
C ALA F 11 0.39 49.25 -10.13
N ILE F 12 0.37 50.08 -11.17
CA ILE F 12 -0.80 50.91 -11.45
C ILE F 12 -1.30 50.72 -12.87
N LEU F 13 -2.49 50.14 -13.01
CA LEU F 13 -3.03 49.80 -14.30
C LEU F 13 -3.97 50.87 -14.83
N SER F 14 -3.73 51.31 -16.07
CA SER F 14 -4.56 52.34 -16.71
C SER F 14 -5.07 51.88 -18.08
N VAL F 15 -6.20 52.43 -18.49
CA VAL F 15 -6.72 52.22 -19.85
C VAL F 15 -6.98 53.57 -20.50
N ARG F 16 -7.14 53.59 -21.81
CA ARG F 16 -7.43 54.84 -22.52
C ARG F 16 -8.86 55.33 -22.26
N LEU F 27 -5.51 58.76 -20.50
CA LEU F 27 -5.38 57.56 -19.65
C LEU F 27 -6.07 57.66 -18.28
N GLU F 28 -6.63 56.55 -17.83
CA GLU F 28 -7.34 56.52 -16.56
C GLU F 28 -7.06 55.23 -15.75
N ILE F 29 -6.81 55.38 -14.45
CA ILE F 29 -6.50 54.26 -13.56
C ILE F 29 -7.74 53.46 -13.23
N ILE F 30 -7.62 52.14 -13.24
CA ILE F 30 -8.75 51.25 -12.93
C ILE F 30 -8.33 50.14 -11.97
N SER F 31 -7.04 50.03 -11.72
CA SER F 31 -6.51 48.99 -10.86
C SER F 31 -5.17 49.39 -10.26
N GLU F 32 -4.92 48.95 -9.04
CA GLU F 32 -3.68 49.25 -8.36
C GLU F 32 -3.33 48.25 -7.26
N ILE F 33 -2.06 47.89 -7.18
CA ILE F 33 -1.56 47.10 -6.06
C ILE F 33 -0.30 47.73 -5.46
N LYS F 34 -0.04 47.42 -4.19
CA LYS F 34 1.25 47.74 -3.60
C LYS F 34 2.12 46.49 -3.74
N ASN F 35 2.78 46.08 -2.67
CA ASN F 35 3.63 44.90 -2.73
C ASN F 35 2.86 43.64 -3.15
N GLY F 36 3.47 42.86 -4.04
CA GLY F 36 2.82 41.66 -4.53
C GLY F 36 3.35 41.20 -5.88
N LEU F 37 2.56 40.42 -6.59
CA LEU F 37 2.95 39.90 -7.91
C LEU F 37 2.13 40.52 -9.00
N ILE F 38 2.76 40.81 -10.12
CA ILE F 38 2.00 41.06 -11.36
C ILE F 38 2.15 39.81 -12.21
N CYS F 39 1.02 39.27 -12.63
CA CYS F 39 1.03 38.01 -13.35
C CYS F 39 0.50 38.17 -14.74
N PHE F 40 1.39 38.04 -15.73
CA PHE F 40 0.97 38.06 -17.12
C PHE F 40 0.58 36.64 -17.49
N LEU F 41 -0.69 36.47 -17.82
CA LEU F 41 -1.27 35.16 -18.01
C LEU F 41 -1.68 34.96 -19.46
N GLY F 42 -1.05 33.97 -20.11
CA GLY F 42 -1.44 33.57 -21.46
C GLY F 42 -2.24 32.27 -21.44
N ILE F 43 -3.44 32.31 -22.00
CA ILE F 43 -4.30 31.12 -22.06
C ILE F 43 -4.20 30.41 -23.40
N HIS F 44 -3.97 29.10 -23.35
CA HIS F 44 -3.70 28.32 -24.57
C HIS F 44 -4.99 27.74 -25.16
N LYS F 45 -4.94 27.43 -26.45
CA LYS F 45 -6.08 26.86 -27.19
C LYS F 45 -6.63 25.62 -26.51
N ASN F 46 -5.73 24.79 -25.98
CA ASN F 46 -6.09 23.50 -25.40
C ASN F 46 -5.97 23.45 -23.89
N ASP F 47 -6.16 24.58 -23.21
CA ASP F 47 -6.03 24.59 -21.76
C ASP F 47 -7.26 24.01 -21.05
N THR F 48 -7.01 23.14 -20.09
CA THR F 48 -8.07 22.63 -19.22
C THR F 48 -8.05 23.37 -17.87
N TRP F 49 -9.09 23.16 -17.09
CA TRP F 49 -9.16 23.80 -15.79
C TRP F 49 -7.99 23.36 -14.92
N GLU F 50 -7.50 22.14 -15.14
CA GLU F 50 -6.32 21.66 -14.42
C GLU F 50 -5.12 22.55 -14.73
N ASP F 51 -5.04 23.02 -15.98
CA ASP F 51 -4.01 23.97 -16.36
C ASP F 51 -4.15 25.27 -15.57
N ALA F 52 -5.37 25.76 -15.44
CA ALA F 52 -5.60 26.98 -14.69
C ALA F 52 -5.30 26.80 -13.19
N LEU F 53 -5.72 25.67 -12.63
CA LEU F 53 -5.51 25.40 -11.20
C LEU F 53 -4.02 25.48 -10.89
N TYR F 54 -3.21 24.92 -11.79
CA TYR F 54 -1.78 24.86 -11.60
C TYR F 54 -1.18 26.26 -11.49
N ILE F 55 -1.54 27.11 -12.44
CA ILE F 55 -1.10 28.51 -12.43
C ILE F 55 -1.49 29.22 -11.13
N ILE F 56 -2.78 29.20 -10.82
CA ILE F 56 -3.26 29.80 -9.57
C ILE F 56 -2.47 29.28 -8.35
N ARG F 57 -2.29 27.97 -8.28
CA ARG F 57 -1.58 27.35 -7.18
C ARG F 57 -0.17 27.96 -7.07
N LYS F 58 0.54 28.01 -8.18
CA LYS F 58 1.92 28.48 -8.14
C LYS F 58 2.02 29.99 -7.87
N CYS F 59 1.04 30.76 -8.36
CA CYS F 59 1.09 32.20 -8.11
C CYS F 59 0.92 32.43 -6.61
N LEU F 60 0.01 31.69 -5.99
CA LEU F 60 -0.33 31.92 -4.60
C LEU F 60 0.71 31.33 -3.63
N ASN F 61 1.52 30.41 -4.12
CA ASN F 61 2.36 29.62 -3.21
C ASN F 61 3.87 29.71 -3.40
N LEU F 62 4.31 30.21 -4.55
CA LEU F 62 5.74 30.43 -4.77
C LEU F 62 6.31 31.36 -3.72
N ARG F 63 7.39 30.91 -3.06
CA ARG F 63 8.03 31.69 -2.00
C ARG F 63 9.09 32.61 -2.58
N LEU F 64 8.69 33.84 -2.88
CA LEU F 64 9.51 34.73 -3.66
C LEU F 64 10.05 35.89 -2.84
N TRP F 65 9.74 35.90 -1.55
CA TRP F 65 10.22 36.97 -0.68
C TRP F 65 11.12 36.47 0.41
N ASN F 66 11.93 37.38 0.95
CA ASN F 66 12.86 37.07 2.04
C ASN F 66 12.37 37.62 3.38
N ASP F 73 11.57 32.30 0.80
CA ASP F 73 10.96 31.83 2.05
C ASP F 73 9.43 32.08 2.20
N LYS F 74 9.00 33.30 1.85
CA LYS F 74 7.61 33.69 2.00
C LYS F 74 6.88 33.85 0.67
N ASN F 75 5.64 33.38 0.62
CA ASN F 75 4.82 33.56 -0.57
C ASN F 75 3.88 34.77 -0.42
N VAL F 76 3.18 35.11 -1.51
CA VAL F 76 2.34 36.30 -1.53
C VAL F 76 1.24 36.31 -0.48
N LYS F 77 0.71 35.14 -0.15
CA LYS F 77 -0.27 35.03 0.95
C LYS F 77 0.35 35.27 2.36
N ASP F 78 1.46 34.59 2.64
CA ASP F 78 2.16 34.73 3.90
C ASP F 78 2.32 36.21 4.27
N LEU F 79 2.62 37.05 3.30
CA LEU F 79 2.89 38.43 3.59
C LEU F 79 1.64 39.29 3.47
N ASN F 80 0.52 38.65 3.14
CA ASN F 80 -0.72 39.37 2.88
C ASN F 80 -0.58 40.36 1.74
N TYR F 81 0.23 40.01 0.75
CA TYR F 81 0.43 40.82 -0.43
C TYR F 81 -0.64 40.63 -1.51
N GLU F 82 -0.63 41.49 -2.52
CA GLU F 82 -1.66 41.43 -3.58
C GLU F 82 -1.19 40.80 -4.90
N LEU F 83 -2.16 40.51 -5.78
CA LEU F 83 -1.86 40.05 -7.14
C LEU F 83 -2.62 40.89 -8.16
N LEU F 84 -1.90 41.40 -9.15
CA LEU F 84 -2.50 42.01 -10.32
C LEU F 84 -2.43 41.01 -11.48
N ILE F 85 -3.59 40.48 -11.87
CA ILE F 85 -3.65 39.43 -12.89
C ILE F 85 -4.01 39.97 -14.27
N VAL F 86 -3.09 39.86 -15.20
CA VAL F 86 -3.27 40.50 -16.52
C VAL F 86 -3.22 39.52 -17.67
N SER F 87 -4.27 39.48 -18.47
CA SER F 87 -4.32 38.61 -19.64
C SER F 87 -3.30 39.03 -20.70
N GLN F 88 -2.57 38.04 -21.21
CA GLN F 88 -1.43 38.33 -22.07
C GLN F 88 -1.28 37.28 -23.17
N PHE F 89 -2.09 37.37 -24.23
CA PHE F 89 -2.02 36.37 -25.31
C PHE F 89 -0.66 36.39 -26.03
N THR F 90 -0.02 37.55 -26.05
CA THR F 90 1.27 37.71 -26.72
C THR F 90 2.29 36.69 -26.26
N LEU F 91 2.01 36.04 -25.14
CA LEU F 91 2.92 35.03 -24.62
C LEU F 91 2.91 33.78 -25.50
N PHE F 92 1.89 33.68 -26.35
CA PHE F 92 1.86 32.60 -27.31
C PHE F 92 2.32 33.08 -28.68
N GLY F 93 2.80 34.31 -28.71
CA GLY F 93 3.41 34.85 -29.90
C GLY F 93 4.56 33.96 -30.29
N ASN F 94 4.43 33.29 -31.43
CA ASN F 94 5.49 32.45 -31.98
C ASN F 94 6.45 33.25 -32.85
N THR F 95 7.72 33.17 -32.53
CA THR F 95 8.73 33.98 -33.18
C THR F 95 9.80 33.09 -33.79
N LYS F 96 9.53 31.79 -33.78
CA LYS F 96 10.45 30.79 -34.33
C LYS F 96 10.72 30.99 -35.81
N LYS F 97 9.67 31.30 -36.57
CA LYS F 97 9.78 31.38 -38.02
C LYS F 97 9.53 32.79 -38.57
N GLY F 98 10.35 33.75 -38.17
CA GLY F 98 10.18 35.11 -38.64
C GLY F 98 10.03 36.12 -37.52
N ASN F 99 10.19 37.40 -37.88
CA ASN F 99 10.19 38.49 -36.92
C ASN F 99 8.84 39.11 -36.66
N LYS F 100 7.79 38.52 -37.23
CA LYS F 100 6.43 38.97 -36.95
C LYS F 100 5.76 37.90 -36.11
N PRO F 101 5.61 38.17 -34.80
CA PRO F 101 5.04 37.16 -33.92
C PRO F 101 3.64 36.75 -34.42
N ASP F 102 3.33 35.46 -34.33
CA ASP F 102 2.00 35.01 -34.66
C ASP F 102 1.41 34.21 -33.47
N PHE F 103 0.11 34.35 -33.26
CA PHE F 103 -0.51 33.86 -32.05
C PHE F 103 -1.59 32.82 -32.31
N HIS F 104 -1.26 31.83 -33.13
CA HIS F 104 -2.24 30.79 -33.46
C HIS F 104 -2.58 29.90 -32.26
N LEU F 105 -1.65 29.80 -31.32
CA LEU F 105 -1.84 28.94 -30.15
C LEU F 105 -2.74 29.55 -29.08
N ALA F 106 -2.91 30.88 -29.11
CA ALA F 106 -3.70 31.57 -28.10
C ALA F 106 -5.18 31.21 -28.23
N LYS F 107 -5.77 30.75 -27.14
CA LYS F 107 -7.20 30.42 -27.11
C LYS F 107 -8.00 31.61 -27.62
N GLU F 108 -8.99 31.33 -28.45
CA GLU F 108 -9.78 32.39 -29.07
C GLU F 108 -10.37 33.32 -27.98
N PRO F 109 -10.44 34.63 -28.27
CA PRO F 109 -10.81 35.72 -27.36
C PRO F 109 -12.10 35.55 -26.55
N ASN F 110 -13.11 34.88 -27.11
CA ASN F 110 -14.37 34.74 -26.38
C ASN F 110 -14.31 33.63 -25.32
N GLU F 111 -13.83 32.45 -25.70
CA GLU F 111 -13.65 31.38 -24.70
C GLU F 111 -12.62 31.86 -23.67
N ALA F 112 -11.57 32.50 -24.15
CA ALA F 112 -10.48 32.95 -23.31
C ALA F 112 -10.96 33.86 -22.20
N LEU F 113 -11.83 34.80 -22.55
CA LEU F 113 -12.39 35.71 -21.57
C LEU F 113 -13.14 35.00 -20.43
N ILE F 114 -14.00 34.04 -20.78
CA ILE F 114 -14.70 33.24 -19.79
C ILE F 114 -13.71 32.48 -18.91
N PHE F 115 -12.75 31.82 -19.54
CA PHE F 115 -11.71 31.10 -18.81
C PHE F 115 -11.01 32.03 -17.82
N TYR F 116 -10.57 33.17 -18.32
CA TYR F 116 -9.90 34.18 -17.50
C TYR F 116 -10.75 34.62 -16.30
N ASN F 117 -12.00 34.97 -16.54
CA ASN F 117 -12.90 35.31 -15.44
C ASN F 117 -13.07 34.17 -14.44
N LYS F 118 -13.23 32.95 -14.93
CA LYS F 118 -13.31 31.79 -14.04
C LYS F 118 -12.04 31.73 -13.20
N ILE F 119 -10.90 31.97 -13.84
CA ILE F 119 -9.61 31.97 -13.15
C ILE F 119 -9.53 33.04 -12.07
N ILE F 120 -10.03 34.22 -12.37
CA ILE F 120 -10.06 35.31 -11.39
C ILE F 120 -10.94 34.94 -10.18
N ASP F 121 -12.06 34.28 -10.44
CA ASP F 121 -12.92 33.83 -9.35
C ASP F 121 -12.16 32.87 -8.43
N GLU F 122 -11.45 31.93 -9.03
CA GLU F 122 -10.72 30.94 -8.28
C GLU F 122 -9.63 31.61 -7.41
N PHE F 123 -8.94 32.60 -7.99
CA PHE F 123 -7.92 33.32 -7.23
C PHE F 123 -8.54 33.90 -5.98
N LYS F 124 -9.68 34.54 -6.13
CA LYS F 124 -10.35 35.16 -5.00
C LYS F 124 -10.85 34.09 -4.02
N LYS F 125 -11.30 32.95 -4.54
CA LYS F 125 -11.76 31.86 -3.69
C LYS F 125 -10.61 31.24 -2.87
N GLN F 126 -9.44 31.07 -3.48
CA GLN F 126 -8.30 30.45 -2.79
C GLN F 126 -7.51 31.42 -1.92
N TYR F 127 -7.77 32.71 -2.08
CA TYR F 127 -7.05 33.71 -1.31
C TYR F 127 -8.05 34.63 -0.62
N ASN F 128 -8.29 35.78 -1.23
CA ASN F 128 -9.07 36.83 -0.59
C ASN F 128 -9.60 37.75 -1.66
N ASP F 129 -10.89 38.08 -1.57
CA ASP F 129 -11.54 38.88 -2.60
C ASP F 129 -10.84 40.23 -2.84
N ASP F 130 -10.41 40.86 -1.75
CA ASP F 130 -9.78 42.17 -1.79
C ASP F 130 -8.31 42.15 -2.23
N LYS F 131 -7.74 40.96 -2.37
CA LYS F 131 -6.33 40.86 -2.72
C LYS F 131 -6.05 40.59 -4.21
N ILE F 132 -7.11 40.41 -5.00
CA ILE F 132 -6.94 40.09 -6.44
C ILE F 132 -7.39 41.24 -7.38
N LYS F 133 -6.42 41.94 -7.96
CA LYS F 133 -6.73 42.97 -8.96
C LYS F 133 -6.62 42.41 -10.39
N ILE F 134 -7.31 43.05 -11.33
CA ILE F 134 -7.24 42.61 -12.72
C ILE F 134 -7.11 43.78 -13.70
N GLY F 135 -6.83 43.46 -14.95
CA GLY F 135 -6.80 44.48 -15.97
C GLY F 135 -8.09 44.44 -16.78
N LYS F 136 -8.18 45.32 -17.78
CA LYS F 136 -9.29 45.27 -18.74
C LYS F 136 -8.98 44.29 -19.89
N PHE F 137 -9.60 43.12 -19.85
CA PHE F 137 -9.34 42.06 -20.83
C PHE F 137 -9.53 42.55 -22.26
N GLY F 138 -8.53 42.28 -23.10
CA GLY F 138 -8.64 42.61 -24.50
C GLY F 138 -8.38 44.06 -24.86
N ASN F 139 -8.28 44.92 -23.84
CA ASN F 139 -8.06 46.35 -24.07
C ASN F 139 -6.61 46.77 -23.94
N TYR F 140 -6.26 47.85 -24.63
CA TYR F 140 -4.93 48.43 -24.45
C TYR F 140 -4.83 48.98 -23.03
N MET F 141 -3.73 48.66 -22.35
CA MET F 141 -3.48 49.07 -20.96
C MET F 141 -2.11 49.69 -20.78
N ASN F 142 -2.02 50.65 -19.88
CA ASN F 142 -0.76 51.21 -19.48
C ASN F 142 -0.49 50.75 -18.06
N ILE F 143 0.58 50.00 -17.84
CA ILE F 143 0.87 49.52 -16.50
C ILE F 143 2.22 50.00 -15.95
N ASP F 144 2.20 50.89 -14.98
CA ASP F 144 3.46 51.31 -14.34
C ASP F 144 3.78 50.30 -13.28
N VAL F 145 4.92 49.65 -13.44
CA VAL F 145 5.30 48.59 -12.52
C VAL F 145 6.62 48.91 -11.83
N THR F 146 6.62 48.86 -10.50
CA THR F 146 7.86 48.96 -9.74
C THR F 146 8.39 47.58 -9.48
N ASN F 147 9.30 47.12 -10.35
CA ASN F 147 9.87 45.80 -10.21
C ASN F 147 10.80 45.75 -9.02
N ASP F 148 10.59 44.74 -8.18
CA ASP F 148 11.28 44.61 -6.91
C ASP F 148 12.31 43.49 -7.02
N GLY F 149 13.55 43.85 -7.34
CA GLY F 149 14.61 42.88 -7.49
C GLY F 149 15.45 43.04 -8.77
N PRO F 150 14.86 42.76 -9.94
CA PRO F 150 13.49 42.28 -10.11
C PRO F 150 13.50 40.78 -9.91
N VAL F 151 12.31 40.20 -9.89
CA VAL F 151 12.22 38.77 -9.82
C VAL F 151 11.22 38.34 -10.86
N THR F 152 11.71 37.69 -11.89
CA THR F 152 10.84 37.24 -12.96
C THR F 152 10.81 35.73 -13.02
N ILE F 153 9.62 35.16 -12.93
CA ILE F 153 9.47 33.71 -12.99
C ILE F 153 8.64 33.37 -14.19
N TYR F 154 8.98 32.26 -14.85
CA TYR F 154 8.21 31.79 -16.01
C TYR F 154 7.74 30.35 -15.84
N ILE F 155 6.48 30.13 -16.20
CA ILE F 155 5.84 28.82 -16.07
C ILE F 155 5.02 28.51 -17.33
N ASP F 156 5.25 27.32 -17.90
CA ASP F 156 4.41 26.80 -18.96
C ASP F 156 3.85 25.49 -18.45
N THR F 157 2.54 25.41 -18.30
CA THR F 157 1.89 24.20 -17.80
C THR F 157 1.97 23.02 -18.75
N HIS F 158 2.23 23.28 -20.03
CA HIS F 158 2.44 22.18 -20.99
C HIS F 158 3.85 21.62 -20.90
N ASP F 159 4.54 21.92 -19.80
CA ASP F 159 5.82 21.30 -19.48
C ASP F 159 5.68 20.29 -18.35
N1 EPE G . 10.10 8.18 3.93
C2 EPE G . 11.15 8.70 4.83
C3 EPE G . 10.70 8.76 6.30
N4 EPE G . 9.26 8.90 6.44
C5 EPE G . 8.39 8.01 5.70
C6 EPE G . 9.14 7.27 4.59
C7 EPE G . 8.72 9.76 7.48
C8 EPE G . 8.66 9.13 8.87
O8 EPE G . 8.14 10.06 9.80
C9 EPE G . 10.67 7.53 2.75
C10 EPE G . 11.01 6.08 3.09
S EPE G . 11.84 5.20 1.73
O1S EPE G . 13.10 4.67 2.22
O2S EPE G . 12.06 6.13 0.61
O3S EPE G . 11.01 4.08 1.28
N1 EPE H . -15.50 5.97 -7.68
C2 EPE H . -15.53 5.10 -8.88
C3 EPE H . -14.19 5.10 -9.61
N4 EPE H . -13.84 6.46 -9.90
C5 EPE H . -13.85 7.42 -8.82
C6 EPE H . -15.15 7.36 -8.04
C7 EPE H . -14.22 6.99 -11.18
C8 EPE H . -13.02 7.07 -12.12
O8 EPE H . -13.22 6.16 -13.17
C9 EPE H . -16.84 6.03 -7.08
C10 EPE H . -17.23 4.69 -6.45
S EPE H . -16.64 4.56 -4.75
O1S EPE H . -17.17 5.68 -3.97
O2S EPE H . -15.19 4.63 -4.81
O3S EPE H . -17.05 3.30 -4.13
N1 EPE I . -16.12 -0.57 21.13
C2 EPE I . -16.38 -1.03 19.76
C3 EPE I . -17.85 -0.81 19.47
N4 EPE I . -18.31 0.41 20.12
C5 EPE I . -17.35 1.43 20.46
C6 EPE I . -16.12 0.90 21.19
C7 EPE I . -19.73 0.66 20.27
C8 EPE I . -20.03 2.03 20.87
O8 EPE I . -20.05 2.98 19.82
C9 EPE I . -14.83 -1.07 21.63
C10 EPE I . -14.48 -2.32 20.82
S EPE I . -12.74 -2.35 20.34
O1S EPE I . -12.64 -2.24 18.88
O2S EPE I . -12.14 -3.61 20.80
O3S EPE I . -12.07 -1.22 21.00
S SO3 J . -19.69 12.81 -11.38
O1 SO3 J . -20.94 13.52 -11.24
O2 SO3 J . -19.91 11.38 -11.13
O3 SO3 J . -19.09 13.02 -12.70
S SO3 K . -15.14 20.66 5.43
O1 SO3 K . -15.19 21.52 6.62
O2 SO3 K . -13.81 20.79 4.84
O3 SO3 K . -15.39 19.27 5.81
N1 EPE L . -9.10 -49.57 7.56
C2 EPE L . -7.82 -50.28 7.48
C3 EPE L . -7.99 -51.71 7.98
N4 EPE L . -8.69 -51.81 9.24
C5 EPE L . -9.80 -50.91 9.46
C6 EPE L . -9.52 -49.51 8.96
C7 EPE L . -8.68 -53.08 9.97
C8 EPE L . -7.48 -53.96 9.63
O8 EPE L . -7.60 -55.28 10.15
C9 EPE L . -8.99 -48.21 7.01
C10 EPE L . -10.39 -47.80 6.54
S EPE L . -10.73 -46.04 6.38
O1S EPE L . -11.75 -45.87 5.36
O2S EPE L . -9.51 -45.31 6.03
O3S EPE L . -11.27 -45.49 7.63
N1 EPE M . 3.81 -35.05 28.19
C2 EPE M . 3.14 -33.87 27.62
C3 EPE M . 4.03 -32.62 27.55
N4 EPE M . 5.29 -32.89 26.89
C5 EPE M . 5.78 -34.25 26.94
C6 EPE M . 5.28 -34.96 28.19
C7 EPE M . 5.71 -32.04 25.79
C8 EPE M . 5.18 -30.62 25.96
O8 EPE M . 5.58 -29.83 24.87
C9 EPE M . 3.36 -35.32 29.57
C10 EPE M . 2.02 -36.07 29.62
S EPE M . 1.85 -36.94 31.19
O1S EPE M . 0.45 -37.27 31.50
O2S EPE M . 2.34 -36.08 32.28
O3S EPE M . 2.64 -38.17 31.11
S SO3 N . -5.40 40.08 -23.55
O1 SO3 N . -6.24 39.74 -24.70
O2 SO3 N . -4.02 39.65 -23.81
O3 SO3 N . -5.41 41.52 -23.32
#